data_2DTY
#
_entry.id   2DTY
#
_cell.length_a   157.725
_cell.length_b   91.864
_cell.length_c   73.549
_cell.angle_alpha   90.00
_cell.angle_beta   90.00
_cell.angle_gamma   90.00
#
_symmetry.space_group_name_H-M   'P 21 21 2'
#
loop_
_entity.id
_entity.type
_entity.pdbx_description
1 polymer 'Basic agglutinin'
2 branched alpha-L-fucopyranose-(1-3)-[2-acetamido-2-deoxy-beta-D-glucopyranose-(1-4)]2-acetamido-2-deoxy-beta-D-glucopyranose
3 branched beta-D-mannopyranose-(1-4)-2-acetamido-2-deoxy-beta-D-glucopyranose-(1-4)-[alpha-L-fucopyranose-(1-3)]2-acetamido-2-deoxy-beta-D-glucopyranose
4 branched beta-L-fucopyranose-(1-3)-[2-acetamido-2-deoxy-beta-D-glucopyranose-(1-4)]2-acetamido-2-deoxy-beta-D-glucopyranose
5 non-polymer 2-acetamido-2-deoxy-alpha-D-galactopyranose
6 non-polymer 'MANGANESE (II) ION'
7 non-polymer 'CALCIUM ION'
8 water water
#
_entity_poly.entity_id   1
_entity_poly.type   'polypeptide(L)'
_entity_poly.pdbx_seq_one_letter_code
;KTISFNFNQFHQNEEQLKLQRDARISSNSVLELTKVVNGVPTWNSTGRALYAKPVQVWDSTTGNVASFETRFSFSIRQPF
PRPHPADGLVFFIAPPNTQTGEGGGYFGIYNPLSPYPFVAVEFDTFRNTWDPQIPHIGIDVNSVISTKTVPFTLDNGGIA
NVVIKYDASTKILHVVLVFPSLGTIYTIADIVDLKQVLPESVNVGFSAATGDPSGKQRNATETHDILSWSFSASLPGTNE
F
;
_entity_poly.pdbx_strand_id   A,B,C,D
#
loop_
_chem_comp.id
_chem_comp.type
_chem_comp.name
_chem_comp.formula
A2G D-saccharide, alpha linking 2-acetamido-2-deoxy-alpha-D-galactopyranose 'C8 H15 N O6'
BMA D-saccharide, beta linking beta-D-mannopyranose 'C6 H12 O6'
CA non-polymer 'CALCIUM ION' 'Ca 2'
FUC L-saccharide, alpha linking alpha-L-fucopyranose 'C6 H12 O5'
FUL L-saccharide, beta linking beta-L-fucopyranose 'C6 H12 O5'
MN non-polymer 'MANGANESE (II) ION' 'Mn 2'
NAG D-saccharide, beta linking 2-acetamido-2-deoxy-beta-D-glucopyranose 'C8 H15 N O6'
#
# COMPACT_ATOMS: atom_id res chain seq x y z
N LYS A 1 7.56 -19.06 -0.98
CA LYS A 1 8.71 -19.78 -0.36
C LYS A 1 9.32 -18.97 0.78
N THR A 2 10.00 -19.66 1.70
CA THR A 2 10.67 -19.02 2.81
C THR A 2 12.06 -19.59 2.93
N ILE A 3 13.06 -18.74 2.74
CA ILE A 3 14.45 -19.18 2.84
C ILE A 3 15.07 -18.47 4.02
N SER A 4 16.06 -19.09 4.65
CA SER A 4 16.71 -18.45 5.79
C SER A 4 17.95 -19.19 6.25
N PHE A 5 18.95 -18.43 6.67
CA PHE A 5 20.18 -19.01 7.17
C PHE A 5 20.66 -18.26 8.40
N ASN A 6 21.57 -18.87 9.15
CA ASN A 6 22.10 -18.23 10.34
C ASN A 6 23.57 -18.55 10.51
N PHE A 7 24.33 -17.59 10.99
CA PHE A 7 25.76 -17.77 11.22
C PHE A 7 26.09 -17.17 12.59
N ASN A 8 26.32 -18.02 13.58
CA ASN A 8 26.67 -17.54 14.92
C ASN A 8 28.14 -17.14 14.92
N GLN A 9 28.88 -17.67 13.96
CA GLN A 9 30.30 -17.42 13.79
C GLN A 9 30.61 -17.95 12.40
N PHE A 10 31.87 -17.81 11.97
CA PHE A 10 32.29 -18.28 10.65
C PHE A 10 33.50 -19.21 10.77
N HIS A 11 33.56 -20.23 9.91
CA HIS A 11 34.68 -21.16 9.93
C HIS A 11 35.42 -21.11 8.60
N GLN A 12 36.68 -21.53 8.60
CA GLN A 12 37.45 -21.55 7.36
C GLN A 12 36.72 -22.48 6.40
N ASN A 13 36.61 -22.05 5.15
CA ASN A 13 35.94 -22.85 4.14
C ASN A 13 34.48 -23.13 4.48
N GLU A 14 33.71 -22.07 4.70
CA GLU A 14 32.29 -22.20 4.97
C GLU A 14 31.70 -22.45 3.58
N GLU A 15 31.08 -23.60 3.38
CA GLU A 15 30.53 -23.91 2.08
C GLU A 15 29.35 -23.06 1.64
N GLN A 16 28.76 -22.31 2.56
CA GLN A 16 27.63 -21.47 2.20
C GLN A 16 28.01 -20.05 1.82
N LEU A 17 29.30 -19.75 1.84
CA LEU A 17 29.77 -18.42 1.48
C LEU A 17 30.67 -18.39 0.25
N LYS A 18 30.69 -17.23 -0.39
CA LYS A 18 31.52 -17.01 -1.56
C LYS A 18 32.36 -15.81 -1.22
N LEU A 19 33.62 -16.06 -0.91
CA LEU A 19 34.54 -14.99 -0.56
C LEU A 19 35.21 -14.51 -1.85
N GLN A 20 35.39 -13.20 -1.97
CA GLN A 20 36.00 -12.63 -3.16
C GLN A 20 37.06 -11.61 -2.78
N ARG A 21 38.13 -11.56 -3.56
CA ARG A 21 39.21 -10.62 -3.32
C ARG A 21 39.83 -10.82 -1.96
N ASP A 22 40.06 -9.74 -1.22
CA ASP A 22 40.70 -9.82 0.09
C ASP A 22 39.89 -10.46 1.22
N ALA A 23 38.62 -10.73 0.98
CA ALA A 23 37.77 -11.31 2.01
C ALA A 23 38.28 -12.67 2.49
N ARG A 24 38.28 -12.85 3.80
CA ARG A 24 38.72 -14.11 4.40
C ARG A 24 38.22 -14.29 5.84
N ILE A 25 38.16 -15.54 6.28
CA ILE A 25 37.71 -15.85 7.62
C ILE A 25 38.89 -16.16 8.55
N SER A 26 39.00 -15.40 9.63
CA SER A 26 40.08 -15.58 10.60
C SER A 26 39.93 -16.87 11.38
N SER A 27 41.02 -17.30 12.01
CA SER A 27 41.02 -18.52 12.79
C SER A 27 40.07 -18.45 13.98
N ASN A 28 39.86 -17.26 14.53
CA ASN A 28 38.97 -17.16 15.67
C ASN A 28 37.52 -16.79 15.29
N SER A 29 37.12 -17.21 14.08
CA SER A 29 35.77 -17.03 13.61
C SER A 29 35.18 -15.73 13.09
N VAL A 30 35.97 -14.71 12.82
CA VAL A 30 35.37 -13.48 12.29
C VAL A 30 35.61 -13.35 10.77
N LEU A 31 34.65 -12.74 10.10
CA LEU A 31 34.71 -12.53 8.66
C LEU A 31 35.35 -11.17 8.39
N GLU A 32 36.62 -11.19 7.97
CA GLU A 32 37.34 -9.95 7.69
C GLU A 32 37.22 -9.63 6.21
N LEU A 33 36.39 -8.64 5.89
CA LEU A 33 36.16 -8.24 4.52
C LEU A 33 37.41 -7.66 3.89
N THR A 34 38.12 -6.81 4.64
CA THR A 34 39.33 -6.22 4.11
C THR A 34 40.60 -6.71 4.81
N LYS A 35 41.69 -6.64 4.07
CA LYS A 35 43.01 -7.10 4.50
C LYS A 35 43.52 -6.49 5.80
N VAL A 36 44.02 -7.37 6.67
CA VAL A 36 44.57 -6.96 7.95
C VAL A 36 45.76 -7.88 8.21
N VAL A 37 46.96 -7.31 8.28
CA VAL A 37 48.17 -8.09 8.48
C VAL A 37 48.85 -7.79 9.82
N ASN A 38 49.04 -8.83 10.63
CA ASN A 38 49.68 -8.70 11.93
C ASN A 38 48.90 -7.72 12.78
N GLY A 39 47.57 -7.85 12.75
CA GLY A 39 46.72 -6.98 13.54
C GLY A 39 46.65 -5.55 13.05
N VAL A 40 47.12 -5.31 11.82
CA VAL A 40 47.07 -3.97 11.28
C VAL A 40 46.34 -3.93 9.95
N PRO A 41 45.34 -3.05 9.82
CA PRO A 41 44.58 -2.93 8.58
C PRO A 41 45.40 -2.27 7.47
N THR A 42 45.33 -2.85 6.28
CA THR A 42 46.08 -2.33 5.14
C THR A 42 45.19 -1.47 4.26
N TRP A 43 45.82 -0.63 3.44
CA TRP A 43 45.10 0.22 2.52
C TRP A 43 45.00 -0.58 1.22
N ASN A 44 44.41 0.01 0.18
CA ASN A 44 44.29 -0.66 -1.10
C ASN A 44 43.70 -2.06 -0.98
N SER A 45 42.73 -2.22 -0.10
CA SER A 45 42.07 -3.51 0.08
C SER A 45 40.58 -3.48 -0.23
N THR A 46 40.10 -4.56 -0.83
CA THR A 46 38.71 -4.69 -1.18
C THR A 46 38.29 -6.16 -1.10
N GLY A 47 37.17 -6.41 -0.42
CA GLY A 47 36.69 -7.77 -0.28
C GLY A 47 35.17 -7.86 -0.16
N ARG A 48 34.63 -9.01 -0.57
CA ARG A 48 33.20 -9.24 -0.52
C ARG A 48 32.90 -10.65 -0.04
N ALA A 49 31.69 -10.85 0.43
CA ALA A 49 31.24 -12.15 0.89
C ALA A 49 29.77 -12.26 0.49
N LEU A 50 29.44 -13.28 -0.30
CA LEU A 50 28.06 -13.46 -0.73
C LEU A 50 27.56 -14.79 -0.24
N TYR A 51 26.26 -14.88 -0.02
CA TYR A 51 25.68 -16.14 0.39
C TYR A 51 25.72 -16.98 -0.91
N ALA A 52 26.29 -18.16 -0.81
CA ALA A 52 26.47 -19.05 -1.95
C ALA A 52 25.28 -19.27 -2.88
N LYS A 53 24.09 -19.42 -2.30
CA LYS A 53 22.89 -19.67 -3.09
C LYS A 53 22.13 -18.39 -3.37
N PRO A 54 21.52 -18.30 -4.56
CA PRO A 54 20.75 -17.10 -4.91
C PRO A 54 19.41 -17.14 -4.20
N VAL A 55 18.83 -15.97 -3.93
CA VAL A 55 17.52 -15.92 -3.29
C VAL A 55 16.59 -15.19 -4.23
N GLN A 56 15.32 -15.57 -4.22
CA GLN A 56 14.33 -14.96 -5.10
C GLN A 56 13.60 -13.82 -4.40
N VAL A 57 13.87 -12.58 -4.79
CA VAL A 57 13.19 -11.44 -4.17
C VAL A 57 11.82 -11.15 -4.75
N TRP A 58 11.54 -11.61 -5.96
CA TRP A 58 10.22 -11.46 -6.56
C TRP A 58 9.96 -12.47 -7.67
N ASP A 59 8.67 -12.71 -7.92
CA ASP A 59 8.24 -13.67 -8.94
C ASP A 59 7.42 -12.98 -10.02
N SER A 60 7.92 -13.05 -11.25
CA SER A 60 7.24 -12.42 -12.38
C SER A 60 5.90 -13.05 -12.72
N THR A 61 5.73 -14.32 -12.37
CA THR A 61 4.47 -15.02 -12.65
C THR A 61 3.31 -14.42 -11.85
N THR A 62 3.51 -14.23 -10.55
CA THR A 62 2.47 -13.68 -9.69
C THR A 62 2.67 -12.18 -9.44
N GLY A 63 3.85 -11.68 -9.75
CA GLY A 63 4.12 -10.26 -9.56
C GLY A 63 4.42 -9.90 -8.11
N ASN A 64 4.37 -10.90 -7.23
CA ASN A 64 4.63 -10.70 -5.81
C ASN A 64 6.09 -10.43 -5.48
N VAL A 65 6.31 -9.58 -4.47
CA VAL A 65 7.67 -9.27 -4.05
C VAL A 65 7.88 -9.81 -2.64
N ALA A 66 9.10 -10.21 -2.35
CA ALA A 66 9.42 -10.77 -1.05
C ALA A 66 9.67 -9.73 0.02
N SER A 67 9.42 -10.11 1.26
CA SER A 67 9.67 -9.27 2.40
C SER A 67 10.83 -9.98 3.05
N PHE A 68 11.76 -9.23 3.64
CA PHE A 68 12.89 -9.88 4.28
C PHE A 68 13.40 -9.12 5.48
N GLU A 69 14.14 -9.84 6.31
CA GLU A 69 14.73 -9.29 7.51
C GLU A 69 16.15 -9.83 7.62
N THR A 70 17.11 -8.98 7.93
CA THR A 70 18.48 -9.43 8.09
C THR A 70 19.11 -8.70 9.25
N ARG A 71 19.88 -9.43 10.05
CA ARG A 71 20.55 -8.86 11.21
C ARG A 71 21.98 -9.32 11.20
N PHE A 72 22.88 -8.41 11.58
CA PHE A 72 24.29 -8.75 11.64
C PHE A 72 25.03 -7.83 12.58
N SER A 73 26.21 -8.27 12.97
CA SER A 73 27.06 -7.51 13.87
C SER A 73 28.39 -7.28 13.18
N PHE A 74 28.88 -6.06 13.25
CA PHE A 74 30.14 -5.76 12.63
C PHE A 74 30.98 -4.94 13.58
N SER A 75 32.24 -4.78 13.24
CA SER A 75 33.16 -3.99 14.05
C SER A 75 34.13 -3.32 13.12
N ILE A 76 34.33 -2.03 13.35
CA ILE A 76 35.25 -1.23 12.56
C ILE A 76 36.27 -0.62 13.52
N ARG A 77 37.53 -1.05 13.41
CA ARG A 77 38.56 -0.50 14.27
C ARG A 77 39.36 0.47 13.44
N GLN A 78 39.51 1.69 13.94
CA GLN A 78 40.26 2.72 13.23
C GLN A 78 41.53 3.12 13.98
N PRO A 79 42.63 2.37 13.75
CA PRO A 79 43.94 2.58 14.38
C PRO A 79 44.62 3.90 14.04
N PHE A 80 44.38 4.43 12.85
CA PHE A 80 45.02 5.67 12.43
C PHE A 80 44.04 6.81 12.19
N PRO A 81 43.78 7.63 13.22
CA PRO A 81 42.87 8.77 13.17
C PRO A 81 43.19 9.83 12.13
N ARG A 82 44.47 10.05 11.86
CA ARG A 82 44.92 11.05 10.90
C ARG A 82 45.57 10.33 9.71
N PRO A 83 45.31 10.80 8.48
CA PRO A 83 44.46 11.93 8.09
C PRO A 83 42.97 11.63 8.14
N HIS A 84 42.61 10.40 7.77
CA HIS A 84 41.21 10.01 7.72
C HIS A 84 41.03 8.54 7.34
N PRO A 85 40.25 7.78 8.15
CA PRO A 85 39.97 6.36 7.91
C PRO A 85 39.16 6.18 6.63
N ALA A 86 39.14 4.97 6.07
CA ALA A 86 38.39 4.72 4.84
C ALA A 86 38.29 3.22 4.54
N ASP A 87 37.23 2.79 3.84
CA ASP A 87 36.16 3.65 3.33
C ASP A 87 34.81 3.30 3.97
N GLY A 88 34.68 2.04 4.40
CA GLY A 88 33.44 1.61 5.02
C GLY A 88 33.00 0.25 4.50
N LEU A 89 31.84 -0.20 4.94
CA LEU A 89 31.29 -1.49 4.52
C LEU A 89 29.83 -1.32 4.18
N VAL A 90 29.31 -2.26 3.41
CA VAL A 90 27.91 -2.22 3.02
C VAL A 90 27.30 -3.61 2.98
N PHE A 91 26.00 -3.64 3.18
CA PHE A 91 25.24 -4.87 3.06
C PHE A 91 24.58 -4.60 1.71
N PHE A 92 24.56 -5.57 0.81
CA PHE A 92 23.94 -5.29 -0.48
C PHE A 92 23.25 -6.47 -1.15
N ILE A 93 22.41 -6.13 -2.13
CA ILE A 93 21.65 -7.09 -2.92
C ILE A 93 21.96 -6.78 -4.38
N ALA A 94 22.36 -7.80 -5.15
CA ALA A 94 22.68 -7.59 -6.55
C ALA A 94 22.39 -8.84 -7.39
N PRO A 95 22.51 -8.72 -8.72
CA PRO A 95 22.25 -9.87 -9.59
C PRO A 95 23.25 -10.97 -9.26
N PRO A 96 22.89 -12.23 -9.49
CA PRO A 96 23.85 -13.29 -9.17
C PRO A 96 25.06 -13.32 -10.07
N ASN A 97 26.14 -13.88 -9.54
CA ASN A 97 27.40 -14.04 -10.27
C ASN A 97 28.11 -12.76 -10.70
N THR A 98 28.13 -11.76 -9.84
CA THR A 98 28.81 -10.51 -10.20
C THR A 98 30.23 -10.52 -9.68
N GLN A 99 31.07 -9.65 -10.23
CA GLN A 99 32.46 -9.56 -9.79
C GLN A 99 32.67 -8.32 -8.94
N THR A 100 33.70 -8.33 -8.12
CA THR A 100 34.01 -7.19 -7.28
C THR A 100 34.19 -5.95 -8.16
N GLY A 101 33.53 -4.86 -7.80
CA GLY A 101 33.67 -3.65 -8.58
C GLY A 101 34.83 -2.80 -8.10
N GLU A 102 34.78 -1.51 -8.43
CA GLU A 102 35.79 -0.54 -8.05
C GLU A 102 35.87 -0.45 -6.53
N GLY A 103 37.06 -0.26 -5.99
CA GLY A 103 37.22 -0.16 -4.56
C GLY A 103 37.07 1.26 -4.08
N GLY A 104 37.75 1.61 -3.00
CA GLY A 104 37.66 2.96 -2.48
C GLY A 104 36.25 3.37 -2.15
N GLY A 105 35.90 4.60 -2.52
CA GLY A 105 34.58 5.12 -2.24
C GLY A 105 33.44 4.33 -2.84
N TYR A 106 33.75 3.38 -3.73
CA TYR A 106 32.72 2.58 -4.35
C TYR A 106 32.46 1.24 -3.63
N PHE A 107 33.16 1.04 -2.51
CA PHE A 107 32.98 -0.15 -1.67
C PHE A 107 33.13 -1.51 -2.35
N GLY A 108 33.46 -1.53 -3.63
CA GLY A 108 33.59 -2.81 -4.31
C GLY A 108 32.29 -3.31 -4.91
N ILE A 109 31.25 -2.46 -4.95
CA ILE A 109 29.97 -2.87 -5.54
C ILE A 109 29.63 -2.10 -6.81
N TYR A 110 30.31 -0.99 -7.04
CA TYR A 110 30.04 -0.23 -8.25
C TYR A 110 31.16 -0.38 -9.27
N ASN A 111 30.76 -0.58 -10.52
CA ASN A 111 31.70 -0.76 -11.61
C ASN A 111 31.31 0.19 -12.74
N PRO A 112 31.96 1.38 -12.81
CA PRO A 112 31.63 2.34 -13.87
C PRO A 112 31.70 1.76 -15.29
N LEU A 113 32.69 0.90 -15.52
CA LEU A 113 32.88 0.29 -16.84
C LEU A 113 31.73 -0.59 -17.29
N SER A 114 31.01 -1.16 -16.34
CA SER A 114 29.87 -1.99 -16.66
C SER A 114 29.02 -2.15 -15.41
N PRO A 115 28.20 -1.13 -15.11
CA PRO A 115 27.33 -1.10 -13.94
C PRO A 115 26.23 -2.14 -13.93
N TYR A 116 25.99 -2.74 -12.76
CA TYR A 116 24.89 -3.67 -12.61
C TYR A 116 24.04 -3.08 -11.48
N PRO A 117 22.72 -3.32 -11.49
CA PRO A 117 21.89 -2.76 -10.44
C PRO A 117 22.12 -3.36 -9.06
N PHE A 118 21.75 -2.61 -8.03
CA PHE A 118 21.93 -3.07 -6.66
C PHE A 118 21.26 -2.18 -5.65
N VAL A 119 20.89 -2.76 -4.53
CA VAL A 119 20.30 -2.01 -3.43
C VAL A 119 21.27 -2.30 -2.30
N ALA A 120 21.75 -1.25 -1.65
CA ALA A 120 22.71 -1.46 -0.58
C ALA A 120 22.50 -0.52 0.59
N VAL A 121 22.90 -0.97 1.77
CA VAL A 121 22.83 -0.16 2.97
C VAL A 121 24.30 0.02 3.33
N GLU A 122 24.74 1.28 3.36
CA GLU A 122 26.14 1.56 3.63
C GLU A 122 26.43 2.17 4.99
N PHE A 123 27.64 1.92 5.44
CA PHE A 123 28.17 2.45 6.69
C PHE A 123 29.47 3.09 6.19
N ASP A 124 29.33 4.35 5.81
CA ASP A 124 30.39 5.17 5.22
C ASP A 124 31.27 5.90 6.22
N THR A 125 32.57 5.63 6.15
CA THR A 125 33.53 6.25 7.06
C THR A 125 34.39 7.36 6.43
N PHE A 126 34.40 7.44 5.10
CA PHE A 126 35.18 8.45 4.39
C PHE A 126 34.28 9.38 3.60
N ARG A 127 34.59 10.67 3.62
CA ARG A 127 33.79 11.65 2.91
C ARG A 127 34.26 11.95 1.49
N ASN A 128 33.59 11.37 0.50
CA ASN A 128 33.91 11.62 -0.90
C ASN A 128 33.24 12.91 -1.34
N THR A 129 33.51 13.32 -2.58
CA THR A 129 32.94 14.54 -3.12
C THR A 129 31.42 14.56 -3.10
N TRP A 130 30.83 13.36 -3.14
CA TRP A 130 29.37 13.22 -3.15
C TRP A 130 28.75 12.88 -1.80
N ASP A 131 29.55 12.89 -0.74
CA ASP A 131 29.10 12.54 0.61
C ASP A 131 28.88 13.69 1.56
N PRO A 132 28.01 13.48 2.56
CA PRO A 132 27.71 14.48 3.58
C PRO A 132 28.66 14.12 4.72
N GLN A 133 28.62 14.83 5.83
CA GLN A 133 29.50 14.52 6.95
C GLN A 133 29.52 13.01 7.28
N ILE A 134 30.68 12.49 7.63
CA ILE A 134 30.81 11.07 7.97
C ILE A 134 31.15 10.91 9.45
N PRO A 135 30.89 9.73 10.03
CA PRO A 135 30.30 8.56 9.37
C PRO A 135 28.80 8.74 9.20
N HIS A 136 28.21 7.94 8.32
CA HIS A 136 26.78 8.01 8.11
C HIS A 136 26.23 6.71 7.54
N ILE A 137 24.96 6.45 7.82
CA ILE A 137 24.27 5.28 7.30
C ILE A 137 23.66 5.82 6.04
N GLY A 138 23.56 5.00 5.00
CA GLY A 138 22.97 5.48 3.78
C GLY A 138 22.32 4.37 3.01
N ILE A 139 21.22 4.72 2.33
CA ILE A 139 20.51 3.76 1.51
C ILE A 139 20.86 4.07 0.06
N ASP A 140 21.47 3.11 -0.61
CA ASP A 140 21.88 3.29 -1.99
C ASP A 140 21.10 2.41 -2.95
N VAL A 141 20.68 3.03 -4.06
CA VAL A 141 19.95 2.33 -5.11
C VAL A 141 20.66 2.57 -6.43
N ASN A 142 21.33 1.55 -6.95
CA ASN A 142 22.06 1.62 -8.22
C ASN A 142 23.22 2.61 -8.24
N SER A 143 23.43 3.30 -7.13
CA SER A 143 24.48 4.29 -7.06
C SER A 143 24.99 4.44 -5.64
N VAL A 144 26.22 4.93 -5.51
CA VAL A 144 26.79 5.11 -4.20
C VAL A 144 26.43 6.49 -3.66
N ILE A 145 25.64 7.24 -4.42
CA ILE A 145 25.21 8.55 -3.96
C ILE A 145 23.80 8.34 -3.37
N SER A 146 23.79 8.09 -2.06
CA SER A 146 22.59 7.79 -1.26
C SER A 146 21.33 8.59 -1.47
N THR A 147 20.19 7.92 -1.34
CA THR A 147 18.88 8.56 -1.47
C THR A 147 18.53 9.20 -0.14
N LYS A 148 18.92 8.52 0.94
CA LYS A 148 18.68 9.02 2.30
C LYS A 148 19.94 8.80 3.11
N THR A 149 20.20 9.68 4.05
CA THR A 149 21.40 9.59 4.86
C THR A 149 21.18 10.03 6.29
N VAL A 150 21.88 9.40 7.21
CA VAL A 150 21.79 9.81 8.61
C VAL A 150 23.16 9.63 9.26
N PRO A 151 23.63 10.65 9.97
CA PRO A 151 24.94 10.58 10.63
C PRO A 151 24.93 9.75 11.90
N PHE A 152 26.06 9.11 12.19
CA PHE A 152 26.19 8.31 13.40
C PHE A 152 27.62 8.38 13.90
N THR A 153 27.79 8.21 15.21
CA THR A 153 29.10 8.24 15.84
C THR A 153 29.55 6.81 16.05
N LEU A 154 30.67 6.45 15.45
CA LEU A 154 31.22 5.10 15.53
C LEU A 154 31.84 4.72 16.88
N ASP A 155 31.60 3.49 17.31
CA ASP A 155 32.19 3.01 18.55
C ASP A 155 33.44 2.29 18.06
N ASN A 156 34.54 3.04 17.98
CA ASN A 156 35.82 2.53 17.50
C ASN A 156 36.17 1.16 18.09
N GLY A 157 36.22 0.13 17.25
CA GLY A 157 36.57 -1.19 17.74
C GLY A 157 35.45 -1.88 18.49
N GLY A 158 34.40 -1.13 18.84
CA GLY A 158 33.28 -1.72 19.55
C GLY A 158 32.43 -2.59 18.63
N ILE A 159 31.38 -3.17 19.19
CA ILE A 159 30.50 -4.02 18.40
C ILE A 159 29.25 -3.25 18.01
N ALA A 160 28.79 -3.46 16.79
CA ALA A 160 27.59 -2.80 16.29
C ALA A 160 26.57 -3.85 15.86
N ASN A 161 25.30 -3.59 16.21
CA ASN A 161 24.22 -4.50 15.84
C ASN A 161 23.36 -3.78 14.82
N VAL A 162 23.10 -4.47 13.72
CA VAL A 162 22.31 -3.89 12.65
C VAL A 162 21.10 -4.77 12.34
N VAL A 163 19.97 -4.10 12.12
CA VAL A 163 18.76 -4.80 11.74
C VAL A 163 18.23 -4.11 10.50
N ILE A 164 18.15 -4.86 9.40
CA ILE A 164 17.62 -4.31 8.15
C ILE A 164 16.35 -5.10 7.85
N LYS A 165 15.25 -4.40 7.67
CA LYS A 165 13.96 -5.02 7.42
C LYS A 165 13.30 -4.40 6.19
N TYR A 166 12.74 -5.24 5.34
CA TYR A 166 12.05 -4.76 4.16
C TYR A 166 10.64 -5.32 4.09
N ASP A 167 9.65 -4.43 4.06
CA ASP A 167 8.27 -4.85 4.01
C ASP A 167 7.73 -4.58 2.60
N ALA A 168 7.44 -5.66 1.88
CA ALA A 168 6.95 -5.54 0.51
C ALA A 168 5.62 -4.81 0.35
N SER A 169 4.70 -4.98 1.29
CA SER A 169 3.42 -4.32 1.17
C SER A 169 3.54 -2.79 1.17
N THR A 170 4.47 -2.26 1.97
CA THR A 170 4.66 -0.81 2.04
C THR A 170 5.88 -0.36 1.25
N LYS A 171 6.74 -1.30 0.88
CA LYS A 171 7.97 -1.00 0.15
C LYS A 171 8.94 -0.20 1.01
N ILE A 172 8.79 -0.30 2.32
CA ILE A 172 9.66 0.42 3.25
C ILE A 172 10.91 -0.39 3.62
N LEU A 173 12.08 0.19 3.40
CA LEU A 173 13.32 -0.46 3.79
C LEU A 173 13.79 0.33 5.00
N HIS A 174 13.73 -0.27 6.19
CA HIS A 174 14.20 0.44 7.38
C HIS A 174 15.35 -0.29 8.05
N VAL A 175 16.39 0.47 8.38
CA VAL A 175 17.55 -0.09 9.01
C VAL A 175 17.75 0.55 10.38
N VAL A 176 18.28 -0.25 11.30
CA VAL A 176 18.55 0.19 12.67
C VAL A 176 20.00 -0.14 13.02
N LEU A 177 20.68 0.82 13.62
CA LEU A 177 22.08 0.65 14.00
C LEU A 177 22.20 0.86 15.52
N VAL A 178 22.77 -0.13 16.21
CA VAL A 178 22.92 0.00 17.65
C VAL A 178 24.30 -0.37 18.13
N PHE A 179 24.84 0.49 18.99
CA PHE A 179 26.15 0.26 19.61
C PHE A 179 25.85 -0.04 21.07
N PRO A 180 25.62 -1.31 21.40
CA PRO A 180 25.31 -1.69 22.80
C PRO A 180 26.22 -1.12 23.88
N SER A 181 27.51 -0.97 23.62
CA SER A 181 28.41 -0.41 24.63
C SER A 181 28.15 1.06 24.92
N LEU A 182 27.56 1.76 23.96
CA LEU A 182 27.29 3.19 24.13
C LEU A 182 25.80 3.43 24.35
N GLY A 183 24.99 2.42 24.06
CA GLY A 183 23.56 2.55 24.20
C GLY A 183 22.94 3.51 23.20
N THR A 184 23.66 3.83 22.13
CA THR A 184 23.15 4.74 21.12
C THR A 184 22.38 3.99 20.04
N ILE A 185 21.32 4.63 19.54
CA ILE A 185 20.47 4.04 18.52
C ILE A 185 20.31 4.99 17.34
N TYR A 186 20.49 4.47 16.12
CA TYR A 186 20.36 5.28 14.92
C TYR A 186 19.37 4.58 14.03
N THR A 187 18.47 5.35 13.42
CA THR A 187 17.47 4.77 12.55
C THR A 187 17.32 5.55 11.24
N ILE A 188 17.04 4.82 10.15
CA ILE A 188 16.84 5.42 8.84
C ILE A 188 15.94 4.51 8.01
N ALA A 189 15.14 5.10 7.15
CA ALA A 189 14.22 4.34 6.31
C ALA A 189 13.92 5.10 5.02
N ASP A 190 13.58 4.37 3.98
CA ASP A 190 13.23 4.99 2.71
C ASP A 190 12.40 3.99 1.92
N ILE A 191 11.79 4.45 0.84
CA ILE A 191 10.97 3.61 0.00
C ILE A 191 11.77 3.09 -1.17
N VAL A 192 11.80 1.78 -1.32
CA VAL A 192 12.55 1.15 -2.40
C VAL A 192 11.67 0.09 -3.05
N ASP A 193 11.54 0.13 -4.37
CA ASP A 193 10.73 -0.85 -5.08
C ASP A 193 11.68 -1.89 -5.68
N LEU A 194 11.92 -2.97 -4.96
CA LEU A 194 12.83 -4.01 -5.41
C LEU A 194 12.49 -4.53 -6.81
N LYS A 195 11.20 -4.71 -7.04
CA LYS A 195 10.68 -5.22 -8.31
C LYS A 195 11.09 -4.33 -9.47
N GLN A 196 11.31 -3.06 -9.17
CA GLN A 196 11.66 -2.05 -10.13
C GLN A 196 13.15 -1.91 -10.42
N VAL A 197 14.00 -2.39 -9.51
CA VAL A 197 15.43 -2.25 -9.70
C VAL A 197 16.23 -3.54 -9.83
N LEU A 198 15.75 -4.61 -9.22
CA LEU A 198 16.47 -5.89 -9.25
C LEU A 198 15.78 -6.99 -10.02
N PRO A 199 16.53 -8.01 -10.45
CA PRO A 199 15.97 -9.15 -11.18
C PRO A 199 15.33 -10.11 -10.18
N GLU A 200 14.60 -11.11 -10.66
CA GLU A 200 13.92 -12.05 -9.76
C GLU A 200 14.81 -12.74 -8.75
N SER A 201 15.96 -13.23 -9.20
CA SER A 201 16.91 -13.91 -8.32
C SER A 201 18.12 -13.03 -8.10
N VAL A 202 18.56 -12.93 -6.85
CA VAL A 202 19.69 -12.10 -6.51
C VAL A 202 20.63 -12.79 -5.52
N ASN A 203 21.72 -12.11 -5.19
CA ASN A 203 22.69 -12.58 -4.21
C ASN A 203 22.67 -11.51 -3.12
N VAL A 204 22.90 -11.92 -1.87
CA VAL A 204 22.92 -10.95 -0.79
C VAL A 204 24.25 -11.15 -0.10
N GLY A 205 24.80 -10.07 0.44
CA GLY A 205 26.08 -10.19 1.10
C GLY A 205 26.66 -8.87 1.54
N PHE A 206 27.96 -8.87 1.84
CA PHE A 206 28.65 -7.68 2.28
C PHE A 206 29.83 -7.37 1.38
N SER A 207 30.28 -6.13 1.43
CA SER A 207 31.42 -5.70 0.65
C SER A 207 31.98 -4.51 1.38
N ALA A 208 33.30 -4.40 1.39
CA ALA A 208 33.96 -3.29 2.06
C ALA A 208 35.25 -2.92 1.33
N ALA A 209 35.83 -1.79 1.71
CA ALA A 209 37.06 -1.35 1.07
C ALA A 209 37.82 -0.36 1.93
N THR A 210 39.15 -0.35 1.75
CA THR A 210 40.00 0.57 2.49
C THR A 210 40.55 1.61 1.51
N GLY A 211 41.27 2.58 2.05
CA GLY A 211 41.83 3.66 1.25
C GLY A 211 42.41 3.26 -0.10
N ASP A 212 42.03 3.99 -1.13
CA ASP A 212 42.53 3.72 -2.47
C ASP A 212 43.91 4.39 -2.62
N PRO A 213 44.83 3.73 -3.36
CA PRO A 213 46.18 4.27 -3.57
C PRO A 213 46.21 5.71 -4.11
N SER A 214 45.27 6.05 -4.98
CA SER A 214 45.20 7.38 -5.56
C SER A 214 45.14 8.48 -4.50
N GLY A 215 44.66 8.14 -3.32
CA GLY A 215 44.55 9.11 -2.24
C GLY A 215 45.89 9.43 -1.61
N LYS A 216 46.88 8.60 -1.89
CA LYS A 216 48.23 8.78 -1.38
C LYS A 216 48.29 8.82 0.15
N GLN A 217 47.56 7.92 0.80
CA GLN A 217 47.54 7.86 2.26
C GLN A 217 47.37 6.44 2.76
N ARG A 218 48.46 5.84 3.24
CA ARG A 218 48.41 4.48 3.76
C ARG A 218 47.62 4.40 5.05
N ASN A 219 47.44 5.55 5.71
CA ASN A 219 46.71 5.62 6.97
C ASN A 219 45.21 5.57 6.73
N ALA A 220 44.81 5.77 5.48
CA ALA A 220 43.38 5.74 5.15
C ALA A 220 42.90 4.29 5.11
N THR A 221 42.78 3.70 6.30
CA THR A 221 42.34 2.32 6.38
C THR A 221 41.68 2.05 7.73
N GLU A 222 41.12 0.85 7.86
CA GLU A 222 40.42 0.41 9.06
C GLU A 222 40.01 -1.03 8.81
N THR A 223 39.47 -1.68 9.83
CA THR A 223 39.02 -3.06 9.66
C THR A 223 37.53 -3.04 9.31
N HIS A 224 37.05 -4.13 8.74
CA HIS A 224 35.64 -4.27 8.39
C HIS A 224 35.27 -5.70 8.68
N ASP A 225 35.04 -5.99 9.96
CA ASP A 225 34.71 -7.35 10.36
C ASP A 225 33.23 -7.64 10.61
N ILE A 226 32.77 -8.78 10.09
CA ILE A 226 31.41 -9.19 10.31
C ILE A 226 31.46 -10.33 11.31
N LEU A 227 30.86 -10.11 12.48
CA LEU A 227 30.87 -11.08 13.55
C LEU A 227 29.82 -12.19 13.44
N SER A 228 28.62 -11.83 13.02
CA SER A 228 27.53 -12.80 12.89
C SER A 228 26.52 -12.32 11.86
N TRP A 229 25.72 -13.23 11.32
CA TRP A 229 24.76 -12.85 10.31
C TRP A 229 23.61 -13.80 10.08
N SER A 230 22.38 -13.30 10.17
CA SER A 230 21.20 -14.12 9.91
C SER A 230 20.34 -13.44 8.84
N PHE A 231 19.70 -14.25 7.99
CA PHE A 231 18.88 -13.74 6.91
C PHE A 231 17.62 -14.57 6.75
N SER A 232 16.51 -13.90 6.46
CA SER A 232 15.23 -14.56 6.30
C SER A 232 14.42 -13.82 5.24
N ALA A 233 13.86 -14.56 4.28
CA ALA A 233 13.05 -13.98 3.21
C ALA A 233 11.78 -14.80 2.96
N SER A 234 10.67 -14.10 2.73
CA SER A 234 9.37 -14.73 2.47
C SER A 234 8.74 -14.22 1.19
N LEU A 235 8.42 -15.13 0.27
CA LEU A 235 7.78 -14.76 -0.98
C LEU A 235 6.44 -15.49 -1.01
N PRO A 236 5.33 -14.76 -0.88
CA PRO A 236 4.02 -15.42 -0.90
C PRO A 236 3.69 -15.95 -2.30
N GLY A 237 3.94 -15.15 -3.32
CA GLY A 237 3.64 -15.59 -4.68
C GLY A 237 4.86 -15.87 -5.55
N LYS B 1 9.80 26.15 11.82
CA LYS B 1 9.22 26.25 13.19
C LYS B 1 9.51 24.99 14.02
N THR B 2 10.71 24.92 14.57
CA THR B 2 11.11 23.78 15.38
C THR B 2 10.74 23.92 16.85
N ILE B 3 10.22 22.83 17.42
CA ILE B 3 9.83 22.79 18.82
C ILE B 3 10.41 21.52 19.42
N SER B 4 10.84 21.61 20.68
CA SER B 4 11.39 20.45 21.35
C SER B 4 11.44 20.65 22.85
N PHE B 5 11.33 19.54 23.57
CA PHE B 5 11.42 19.54 25.02
C PHE B 5 12.10 18.26 25.44
N ASN B 6 12.67 18.26 26.63
CA ASN B 6 13.38 17.10 27.11
C ASN B 6 13.18 16.96 28.61
N PHE B 7 12.74 15.78 29.04
CA PHE B 7 12.53 15.49 30.44
C PHE B 7 13.45 14.33 30.75
N ASN B 8 14.62 14.61 31.33
CA ASN B 8 15.55 13.54 31.68
C ASN B 8 15.06 12.88 32.96
N GLN B 9 14.12 13.55 33.62
CA GLN B 9 13.53 13.06 34.86
C GLN B 9 12.18 13.76 35.06
N PHE B 10 11.36 13.28 35.98
CA PHE B 10 10.06 13.91 36.23
C PHE B 10 9.93 14.48 37.63
N HIS B 11 9.48 15.72 37.74
CA HIS B 11 9.34 16.35 39.04
C HIS B 11 7.90 16.39 39.53
N GLN B 12 7.75 16.37 40.84
CA GLN B 12 6.44 16.42 41.46
C GLN B 12 5.73 17.68 40.98
N ASN B 13 4.51 17.55 40.49
CA ASN B 13 3.76 18.71 40.00
C ASN B 13 4.52 19.42 38.88
N GLU B 14 4.73 18.72 37.77
CA GLU B 14 5.42 19.27 36.60
C GLU B 14 4.55 20.32 35.91
N GLU B 15 5.05 21.54 35.80
CA GLU B 15 4.26 22.60 35.16
C GLU B 15 4.04 22.35 33.65
N GLN B 16 4.92 21.54 33.06
CA GLN B 16 4.85 21.24 31.63
C GLN B 16 3.96 20.05 31.27
N LEU B 17 3.45 19.36 32.28
CA LEU B 17 2.61 18.20 32.02
C LEU B 17 1.19 18.32 32.50
N LYS B 18 0.32 17.53 31.89
CA LYS B 18 -1.08 17.46 32.21
C LYS B 18 -1.34 16.02 32.56
N LEU B 19 -1.46 15.72 33.84
CA LEU B 19 -1.74 14.35 34.28
C LEU B 19 -3.24 14.17 34.35
N GLN B 20 -3.73 13.02 33.89
CA GLN B 20 -5.16 12.74 33.91
C GLN B 20 -5.43 11.38 34.49
N ARG B 21 -6.54 11.27 35.21
CA ARG B 21 -6.93 10.01 35.84
C ARG B 21 -5.89 9.51 36.81
N ASP B 22 -5.56 8.22 36.74
CA ASP B 22 -4.59 7.63 37.66
C ASP B 22 -3.12 8.04 37.48
N ALA B 23 -2.81 8.76 36.41
CA ALA B 23 -1.44 9.18 36.16
C ALA B 23 -0.88 10.06 37.27
N ARG B 24 0.35 9.76 37.68
CA ARG B 24 1.02 10.54 38.72
C ARG B 24 2.52 10.31 38.74
N ILE B 25 3.24 11.25 39.32
CA ILE B 25 4.70 11.18 39.39
C ILE B 25 5.16 10.73 40.77
N SER B 26 5.92 9.65 40.82
CA SER B 26 6.41 9.12 42.08
C SER B 26 7.50 10.01 42.68
N SER B 27 7.77 9.81 43.96
CA SER B 27 8.77 10.58 44.67
C SER B 27 10.17 10.41 44.09
N ASN B 28 10.46 9.23 43.54
CA ASN B 28 11.78 8.99 42.97
C ASN B 28 11.86 9.34 41.49
N SER B 29 10.98 10.27 41.08
CA SER B 29 10.94 10.82 39.72
C SER B 29 10.34 10.09 38.51
N VAL B 30 9.78 8.90 38.68
CA VAL B 30 9.23 8.23 37.51
C VAL B 30 7.76 8.57 37.31
N LEU B 31 7.36 8.59 36.04
CA LEU B 31 5.99 8.89 35.66
C LEU B 31 5.20 7.58 35.61
N GLU B 32 4.35 7.36 36.61
CA GLU B 32 3.55 6.16 36.67
C GLU B 32 2.19 6.43 36.05
N LEU B 33 1.98 5.92 34.84
CA LEU B 33 0.73 6.11 34.14
C LEU B 33 -0.42 5.43 34.85
N THR B 34 -0.21 4.21 35.34
CA THR B 34 -1.28 3.52 36.04
C THR B 34 -1.00 3.35 37.51
N LYS B 35 -2.08 3.20 38.26
CA LYS B 35 -2.02 3.08 39.71
C LYS B 35 -1.22 1.90 40.24
N VAL B 36 -0.39 2.20 41.23
CA VAL B 36 0.42 1.20 41.91
C VAL B 36 0.45 1.59 43.39
N VAL B 37 -0.08 0.70 44.24
CA VAL B 37 -0.13 0.98 45.67
C VAL B 37 0.74 0.02 46.49
N ASN B 38 1.64 0.59 47.27
CA ASN B 38 2.53 -0.21 48.10
C ASN B 38 3.37 -1.13 47.24
N GLY B 39 3.86 -0.60 46.11
CA GLY B 39 4.67 -1.38 45.22
C GLY B 39 3.92 -2.46 44.45
N VAL B 40 2.60 -2.38 44.44
CA VAL B 40 1.81 -3.36 43.73
C VAL B 40 0.87 -2.70 42.75
N PRO B 41 0.91 -3.13 41.48
CA PRO B 41 0.05 -2.56 40.45
C PRO B 41 -1.41 -3.01 40.61
N THR B 42 -2.33 -2.07 40.50
CA THR B 42 -3.75 -2.36 40.65
C THR B 42 -4.42 -2.52 39.29
N TRP B 43 -5.58 -3.17 39.28
CA TRP B 43 -6.32 -3.36 38.05
C TRP B 43 -7.29 -2.17 37.99
N ASN B 44 -8.12 -2.13 36.96
CA ASN B 44 -9.11 -1.07 36.86
C ASN B 44 -8.46 0.31 36.91
N SER B 45 -7.26 0.44 36.33
CA SER B 45 -6.56 1.72 36.32
C SER B 45 -6.29 2.26 34.92
N THR B 46 -6.41 3.57 34.79
CA THR B 46 -6.21 4.23 33.51
C THR B 46 -5.60 5.62 33.75
N GLY B 47 -4.53 5.94 33.04
CA GLY B 47 -3.89 7.23 33.19
C GLY B 47 -3.22 7.75 31.92
N ARG B 48 -3.13 9.07 31.82
CA ARG B 48 -2.50 9.70 30.66
C ARG B 48 -1.63 10.85 31.10
N ALA B 49 -0.72 11.23 30.21
CA ALA B 49 0.20 12.34 30.46
C ALA B 49 0.39 13.03 29.11
N LEU B 50 0.04 14.30 29.05
CA LEU B 50 0.17 15.07 27.81
C LEU B 50 1.11 16.23 28.00
N TYR B 51 1.83 16.59 26.95
CA TYR B 51 2.72 17.74 27.04
C TYR B 51 1.73 18.91 27.10
N ALA B 52 1.87 19.76 28.11
CA ALA B 52 0.96 20.89 28.32
C ALA B 52 0.66 21.80 27.13
N LYS B 53 1.65 22.05 26.30
CA LYS B 53 1.45 22.93 25.15
C LYS B 53 1.17 22.13 23.88
N PRO B 54 0.28 22.64 23.03
CA PRO B 54 0.00 21.90 21.79
C PRO B 54 1.14 22.13 20.79
N VAL B 55 1.32 21.19 19.87
CA VAL B 55 2.36 21.32 18.86
C VAL B 55 1.68 21.29 17.51
N GLN B 56 2.24 22.00 16.55
CA GLN B 56 1.65 22.05 15.22
C GLN B 56 2.32 21.04 14.30
N VAL B 57 1.57 19.99 13.92
CA VAL B 57 2.13 18.97 13.02
C VAL B 57 2.04 19.33 11.55
N TRP B 58 1.15 20.26 11.21
CA TRP B 58 1.06 20.74 9.83
C TRP B 58 0.38 22.11 9.71
N ASP B 59 0.68 22.80 8.61
CA ASP B 59 0.17 24.14 8.37
C ASP B 59 -0.67 24.17 7.09
N SER B 60 -1.95 24.49 7.24
CA SER B 60 -2.87 24.55 6.11
C SER B 60 -2.52 25.63 5.08
N THR B 61 -1.86 26.69 5.52
CA THR B 61 -1.48 27.77 4.61
C THR B 61 -0.47 27.31 3.56
N THR B 62 0.58 26.62 4.01
CA THR B 62 1.62 26.14 3.12
C THR B 62 1.41 24.69 2.73
N GLY B 63 0.56 23.99 3.48
CA GLY B 63 0.30 22.58 3.20
C GLY B 63 1.41 21.67 3.69
N ASN B 64 2.47 22.24 4.25
CA ASN B 64 3.59 21.47 4.75
C ASN B 64 3.29 20.69 6.02
N VAL B 65 3.92 19.52 6.14
CA VAL B 65 3.76 18.64 7.30
C VAL B 65 5.07 18.58 8.07
N ALA B 66 4.97 18.46 9.38
CA ALA B 66 6.15 18.41 10.22
C ALA B 66 6.76 17.03 10.29
N SER B 67 8.07 17.02 10.55
CA SER B 67 8.81 15.78 10.71
C SER B 67 9.13 15.82 12.19
N PHE B 68 9.14 14.68 12.85
CA PHE B 68 9.45 14.68 14.27
C PHE B 68 10.16 13.42 14.73
N GLU B 69 10.82 13.54 15.88
CA GLU B 69 11.50 12.42 16.47
C GLU B 69 11.23 12.47 17.96
N THR B 70 10.96 11.32 18.55
CA THR B 70 10.71 11.26 19.97
C THR B 70 11.35 10.00 20.55
N ARG B 71 11.98 10.14 21.70
CA ARG B 71 12.64 9.02 22.36
C ARG B 71 12.20 8.99 23.81
N PHE B 72 12.01 7.79 24.32
CA PHE B 72 11.62 7.63 25.71
C PHE B 72 11.99 6.26 26.23
N SER B 73 12.00 6.15 27.54
CA SER B 73 12.30 4.88 28.19
C SER B 73 11.14 4.55 29.10
N PHE B 74 10.74 3.29 29.08
CA PHE B 74 9.65 2.87 29.93
C PHE B 74 10.02 1.55 30.56
N SER B 75 9.22 1.14 31.52
CA SER B 75 9.43 -0.12 32.18
C SER B 75 8.07 -0.68 32.57
N ILE B 76 7.89 -1.96 32.27
CA ILE B 76 6.66 -2.64 32.59
C ILE B 76 7.02 -3.84 33.47
N ARG B 77 6.56 -3.80 34.71
CA ARG B 77 6.83 -4.90 35.63
C ARG B 77 5.55 -5.71 35.73
N GLN B 78 5.67 -7.01 35.53
CA GLN B 78 4.52 -7.88 35.59
C GLN B 78 4.70 -8.83 36.77
N PRO B 79 4.12 -8.49 37.93
CA PRO B 79 4.22 -9.29 39.16
C PRO B 79 3.52 -10.65 39.06
N PHE B 80 2.38 -10.69 38.38
CA PHE B 80 1.60 -11.91 38.28
C PHE B 80 1.51 -12.48 36.87
N PRO B 81 2.34 -13.48 36.56
CA PRO B 81 2.33 -14.10 35.23
C PRO B 81 0.99 -14.71 34.85
N ARG B 82 0.33 -15.36 35.79
CA ARG B 82 -0.98 -15.98 35.54
C ARG B 82 -2.08 -15.12 36.14
N PRO B 83 -3.23 -15.02 35.44
CA PRO B 83 -3.57 -15.64 34.16
C PRO B 83 -3.14 -14.84 32.94
N HIS B 84 -2.90 -13.55 33.12
CA HIS B 84 -2.48 -12.69 32.01
C HIS B 84 -2.39 -11.22 32.42
N PRO B 85 -1.25 -10.57 32.12
CA PRO B 85 -1.13 -9.16 32.48
C PRO B 85 -1.91 -8.31 31.47
N ALA B 86 -2.14 -7.04 31.77
CA ALA B 86 -2.88 -6.16 30.87
C ALA B 86 -2.75 -4.71 31.33
N ASP B 87 -2.91 -3.75 30.42
CA ASP B 87 -3.18 -3.98 29.00
C ASP B 87 -2.03 -3.48 28.13
N GLY B 88 -1.30 -2.50 28.64
CA GLY B 88 -0.20 -1.94 27.89
C GLY B 88 -0.19 -0.42 27.92
N LEU B 89 0.76 0.17 27.20
CA LEU B 89 0.88 1.62 27.14
C LEU B 89 1.08 2.04 25.71
N VAL B 90 0.79 3.30 25.43
CA VAL B 90 0.95 3.83 24.08
C VAL B 90 1.46 5.26 24.09
N PHE B 91 2.14 5.63 23.01
CA PHE B 91 2.58 6.99 22.83
C PHE B 91 1.56 7.42 21.79
N PHE B 92 0.97 8.60 21.93
CA PHE B 92 -0.02 9.02 20.94
C PHE B 92 -0.06 10.52 20.64
N ILE B 93 -0.73 10.82 19.53
CA ILE B 93 -0.92 12.19 19.04
C ILE B 93 -2.42 12.34 18.83
N ALA B 94 -3.02 13.38 19.40
CA ALA B 94 -4.46 13.59 19.27
C ALA B 94 -4.80 15.08 19.27
N PRO B 95 -6.07 15.42 19.00
CA PRO B 95 -6.44 16.84 19.00
C PRO B 95 -6.29 17.38 20.42
N PRO B 96 -6.04 18.68 20.57
CA PRO B 96 -5.90 19.21 21.93
C PRO B 96 -7.17 19.18 22.74
N ASN B 97 -7.03 19.14 24.06
CA ASN B 97 -8.16 19.13 24.98
C ASN B 97 -9.13 17.95 24.81
N THR B 98 -8.61 16.73 24.93
CA THR B 98 -9.44 15.53 24.82
C THR B 98 -9.50 14.92 26.22
N GLN B 99 -10.49 14.08 26.45
CA GLN B 99 -10.64 13.43 27.76
C GLN B 99 -10.23 11.97 27.67
N THR B 100 -9.86 11.39 28.80
CA THR B 100 -9.46 9.99 28.84
C THR B 100 -10.59 9.13 28.29
N GLY B 101 -10.27 8.23 27.37
CA GLY B 101 -11.28 7.38 26.79
C GLY B 101 -11.49 6.12 27.60
N GLU B 102 -12.06 5.11 26.95
CA GLU B 102 -12.32 3.83 27.60
C GLU B 102 -10.99 3.18 27.99
N GLY B 103 -10.98 2.48 29.11
CA GLY B 103 -9.77 1.82 29.57
C GLY B 103 -9.61 0.42 28.98
N GLY B 104 -8.97 -0.45 29.72
CA GLY B 104 -8.76 -1.81 29.24
C GLY B 104 -8.03 -1.85 27.91
N GLY B 105 -8.51 -2.72 27.01
CA GLY B 105 -7.89 -2.85 25.71
C GLY B 105 -7.84 -1.59 24.88
N TYR B 106 -8.53 -0.54 25.30
CA TYR B 106 -8.54 0.72 24.57
C TYR B 106 -7.47 1.70 25.04
N PHE B 107 -6.69 1.28 26.05
CA PHE B 107 -5.60 2.09 26.61
C PHE B 107 -5.97 3.49 27.09
N GLY B 108 -7.26 3.85 27.05
CA GLY B 108 -7.64 5.17 27.48
C GLY B 108 -7.58 6.22 26.38
N ILE B 109 -7.43 5.80 25.13
CA ILE B 109 -7.38 6.75 24.01
C ILE B 109 -8.58 6.63 23.07
N TYR B 110 -9.29 5.50 23.16
CA TYR B 110 -10.45 5.32 22.31
C TYR B 110 -11.74 5.47 23.09
N ASN B 111 -12.68 6.20 22.51
CA ASN B 111 -13.99 6.42 23.12
C ASN B 111 -15.07 6.09 22.12
N PRO B 112 -15.64 4.88 22.18
CA PRO B 112 -16.69 4.46 21.25
C PRO B 112 -17.83 5.47 21.17
N LEU B 113 -18.20 6.04 22.32
CA LEU B 113 -19.28 7.02 22.37
C LEU B 113 -19.01 8.16 21.41
N SER B 114 -17.92 8.90 21.63
CA SER B 114 -17.57 10.04 20.80
C SER B 114 -16.08 9.99 20.44
N PRO B 115 -15.75 9.21 19.40
CA PRO B 115 -14.38 9.05 18.93
C PRO B 115 -13.72 10.31 18.34
N TYR B 116 -12.45 10.49 18.68
CA TYR B 116 -11.67 11.59 18.14
C TYR B 116 -10.50 10.92 17.43
N PRO B 117 -9.97 11.56 16.36
CA PRO B 117 -8.85 10.96 15.64
C PRO B 117 -7.55 10.90 16.44
N PHE B 118 -6.68 9.97 16.08
CA PHE B 118 -5.41 9.84 16.77
C PHE B 118 -4.46 8.89 16.06
N VAL B 119 -3.16 9.13 16.24
CA VAL B 119 -2.14 8.23 15.69
C VAL B 119 -1.41 7.77 16.94
N ALA B 120 -1.27 6.47 17.12
CA ALA B 120 -0.60 5.98 18.31
C ALA B 120 0.30 4.81 18.04
N VAL B 121 1.32 4.65 18.87
CA VAL B 121 2.24 3.54 18.77
C VAL B 121 1.97 2.79 20.07
N GLU B 122 1.52 1.56 19.96
CA GLU B 122 1.19 0.78 21.14
C GLU B 122 2.17 -0.33 21.51
N PHE B 123 2.17 -0.65 22.78
CA PHE B 123 2.99 -1.73 23.35
C PHE B 123 1.92 -2.49 24.11
N ASP B 124 1.31 -3.43 23.39
CA ASP B 124 0.20 -4.24 23.87
C ASP B 124 0.61 -5.53 24.59
N THR B 125 0.14 -5.68 25.82
CA THR B 125 0.46 -6.86 26.61
C THR B 125 -0.68 -7.85 26.77
N PHE B 126 -1.90 -7.45 26.42
CA PHE B 126 -3.06 -8.35 26.52
C PHE B 126 -3.67 -8.58 25.15
N ARG B 127 -4.08 -9.82 24.93
CA ARG B 127 -4.66 -10.18 23.64
C ARG B 127 -6.18 -10.09 23.58
N ASN B 128 -6.67 -9.01 22.98
CA ASN B 128 -8.10 -8.80 22.81
C ASN B 128 -8.58 -9.60 21.60
N THR B 129 -9.88 -9.60 21.35
CA THR B 129 -10.42 -10.35 20.23
C THR B 129 -9.87 -9.88 18.88
N TRP B 130 -9.39 -8.64 18.84
CA TRP B 130 -8.86 -8.05 17.62
C TRP B 130 -7.33 -8.07 17.53
N ASP B 131 -6.68 -8.66 18.53
CA ASP B 131 -5.23 -8.71 18.59
C ASP B 131 -4.57 -10.02 18.19
N PRO B 132 -3.31 -9.94 17.74
CA PRO B 132 -2.53 -11.11 17.33
C PRO B 132 -1.77 -11.47 18.61
N GLN B 133 -0.92 -12.47 18.56
CA GLN B 133 -0.14 -12.88 19.72
C GLN B 133 0.49 -11.66 20.42
N ILE B 134 0.52 -11.67 21.75
CA ILE B 134 1.11 -10.59 22.51
C ILE B 134 2.36 -11.08 23.25
N PRO B 135 3.25 -10.16 23.65
CA PRO B 135 3.17 -8.72 23.44
C PRO B 135 3.50 -8.36 22.00
N HIS B 136 3.12 -7.16 21.59
CA HIS B 136 3.43 -6.72 20.24
C HIS B 136 3.45 -5.20 20.15
N ILE B 137 4.23 -4.68 19.21
CA ILE B 137 4.26 -3.26 18.98
C ILE B 137 3.22 -3.09 17.89
N GLY B 138 2.52 -1.98 17.88
CA GLY B 138 1.52 -1.79 16.85
C GLY B 138 1.35 -0.34 16.51
N ILE B 139 1.06 -0.07 15.25
CA ILE B 139 0.82 1.29 14.80
C ILE B 139 -0.68 1.43 14.63
N ASP B 140 -1.26 2.35 15.38
CA ASP B 140 -2.69 2.57 15.35
C ASP B 140 -3.09 3.91 14.75
N VAL B 141 -4.06 3.89 13.85
CA VAL B 141 -4.56 5.12 13.24
C VAL B 141 -6.09 5.16 13.42
N ASN B 142 -6.56 6.04 14.30
CA ASN B 142 -7.98 6.20 14.59
C ASN B 142 -8.66 4.99 15.20
N SER B 143 -7.91 3.92 15.41
CA SER B 143 -8.49 2.74 16.00
C SER B 143 -7.43 1.93 16.71
N VAL B 144 -7.86 1.08 17.62
CA VAL B 144 -6.93 0.26 18.37
C VAL B 144 -6.65 -1.05 17.62
N ILE B 145 -7.23 -1.21 16.44
CA ILE B 145 -6.96 -2.39 15.64
C ILE B 145 -5.88 -1.97 14.63
N SER B 146 -4.63 -2.23 15.03
CA SER B 146 -3.40 -1.89 14.32
C SER B 146 -3.31 -2.13 12.82
N THR B 147 -2.63 -1.23 12.12
CA THR B 147 -2.43 -1.36 10.68
C THR B 147 -1.24 -2.29 10.44
N LYS B 148 -0.25 -2.21 11.34
CA LYS B 148 0.95 -3.03 11.25
C LYS B 148 1.26 -3.52 12.66
N THR B 149 1.77 -4.74 12.77
CA THR B 149 2.10 -5.32 14.07
C THR B 149 3.38 -6.15 14.04
N VAL B 150 4.09 -6.16 15.15
CA VAL B 150 5.31 -6.94 15.26
C VAL B 150 5.41 -7.45 16.69
N PRO B 151 5.66 -8.76 16.87
CA PRO B 151 5.78 -9.33 18.20
C PRO B 151 7.12 -9.05 18.86
N PHE B 152 7.12 -8.94 20.19
CA PHE B 152 8.35 -8.70 20.92
C PHE B 152 8.26 -9.38 22.27
N THR B 153 9.41 -9.74 22.82
CA THR B 153 9.45 -10.37 24.12
C THR B 153 9.87 -9.34 25.16
N LEU B 154 9.00 -9.14 26.14
CA LEU B 154 9.21 -8.16 27.20
C LEU B 154 10.29 -8.50 28.22
N ASP B 155 11.07 -7.50 28.60
CA ASP B 155 12.07 -7.71 29.63
C ASP B 155 11.34 -7.24 30.90
N ASN B 156 10.68 -8.20 31.55
CA ASN B 156 9.90 -7.94 32.74
C ASN B 156 10.63 -7.08 33.76
N GLY B 157 10.11 -5.88 34.00
CA GLY B 157 10.74 -5.00 34.96
C GLY B 157 11.98 -4.32 34.44
N GLY B 158 12.49 -4.78 33.30
CA GLY B 158 13.69 -4.19 32.75
C GLY B 158 13.39 -2.83 32.12
N ILE B 159 14.41 -2.20 31.56
CA ILE B 159 14.23 -0.91 30.93
C ILE B 159 14.15 -1.07 29.43
N ALA B 160 13.28 -0.28 28.81
CA ALA B 160 13.10 -0.33 27.37
C ALA B 160 13.36 1.04 26.78
N ASN B 161 14.06 1.08 25.65
CA ASN B 161 14.34 2.33 24.97
C ASN B 161 13.57 2.34 23.68
N VAL B 162 12.83 3.41 23.45
CA VAL B 162 12.04 3.53 22.24
C VAL B 162 12.40 4.77 21.44
N VAL B 163 12.46 4.60 20.13
CA VAL B 163 12.75 5.69 19.22
C VAL B 163 11.64 5.72 18.18
N ILE B 164 10.87 6.81 18.17
CA ILE B 164 9.81 6.93 17.17
C ILE B 164 10.19 8.12 16.29
N LYS B 165 10.25 7.88 15.00
CA LYS B 165 10.65 8.92 14.05
C LYS B 165 9.66 9.01 12.90
N TYR B 166 9.29 10.23 12.53
CA TYR B 166 8.36 10.43 11.43
C TYR B 166 8.96 11.39 10.40
N ASP B 167 9.09 10.92 9.18
CA ASP B 167 9.65 11.71 8.10
C ASP B 167 8.53 12.14 7.17
N ALA B 168 8.23 13.45 7.16
CA ALA B 168 7.13 13.97 6.36
C ALA B 168 7.29 13.81 4.85
N SER B 169 8.51 13.85 4.35
CA SER B 169 8.72 13.72 2.92
C SER B 169 8.30 12.34 2.41
N THR B 170 8.55 11.30 3.21
CA THR B 170 8.17 9.95 2.79
C THR B 170 6.92 9.44 3.51
N LYS B 171 6.50 10.16 4.54
CA LYS B 171 5.33 9.77 5.34
C LYS B 171 5.55 8.46 6.07
N ILE B 172 6.81 8.11 6.31
CA ILE B 172 7.13 6.88 7.02
C ILE B 172 7.23 7.10 8.54
N LEU B 173 6.48 6.31 9.29
CA LEU B 173 6.53 6.38 10.73
C LEU B 173 7.26 5.10 11.14
N HIS B 174 8.49 5.22 11.61
CA HIS B 174 9.18 4.02 12.04
C HIS B 174 9.55 4.08 13.51
N VAL B 175 9.26 2.98 14.21
CA VAL B 175 9.56 2.90 15.61
C VAL B 175 10.55 1.78 15.88
N VAL B 176 11.36 1.98 16.92
CA VAL B 176 12.38 1.02 17.31
C VAL B 176 12.28 0.77 18.79
N LEU B 177 12.31 -0.50 19.18
CA LEU B 177 12.24 -0.88 20.59
C LEU B 177 13.50 -1.66 20.95
N VAL B 178 14.15 -1.23 22.02
CA VAL B 178 15.36 -1.91 22.46
C VAL B 178 15.38 -2.16 23.96
N PHE B 179 15.74 -3.39 24.32
CA PHE B 179 15.87 -3.76 25.71
C PHE B 179 17.37 -3.96 25.94
N PRO B 180 18.07 -2.88 26.33
CA PRO B 180 19.52 -2.95 26.56
C PRO B 180 20.03 -4.12 27.37
N SER B 181 19.30 -4.55 28.40
CA SER B 181 19.75 -5.69 29.20
C SER B 181 19.75 -7.01 28.45
N LEU B 182 18.93 -7.13 27.41
CA LEU B 182 18.87 -8.37 26.66
C LEU B 182 19.54 -8.19 25.29
N GLY B 183 19.79 -6.95 24.92
CA GLY B 183 20.41 -6.67 23.64
C GLY B 183 19.50 -6.97 22.46
N THR B 184 18.20 -7.09 22.71
CA THR B 184 17.23 -7.38 21.66
C THR B 184 16.73 -6.10 20.98
N ILE B 185 16.50 -6.19 19.67
CA ILE B 185 16.05 -5.04 18.89
C ILE B 185 14.81 -5.40 18.06
N TYR B 186 13.79 -4.55 18.15
CA TYR B 186 12.56 -4.78 17.42
C TYR B 186 12.28 -3.55 16.60
N THR B 187 11.87 -3.74 15.35
CA THR B 187 11.58 -2.63 14.48
C THR B 187 10.28 -2.80 13.70
N ILE B 188 9.60 -1.67 13.48
CA ILE B 188 8.35 -1.67 12.75
C ILE B 188 8.15 -0.30 12.11
N ALA B 189 7.53 -0.28 10.93
CA ALA B 189 7.30 0.97 10.22
C ALA B 189 6.05 0.85 9.37
N ASP B 190 5.46 1.99 9.05
CA ASP B 190 4.27 2.01 8.24
C ASP B 190 4.11 3.41 7.69
N ILE B 191 3.25 3.57 6.69
CA ILE B 191 3.04 4.88 6.11
C ILE B 191 1.79 5.52 6.69
N VAL B 192 1.94 6.72 7.23
CA VAL B 192 0.83 7.44 7.83
C VAL B 192 0.85 8.87 7.34
N ASP B 193 -0.30 9.34 6.86
CA ASP B 193 -0.42 10.70 6.39
C ASP B 193 -1.05 11.54 7.49
N LEU B 194 -0.23 12.16 8.32
CA LEU B 194 -0.73 12.97 9.43
C LEU B 194 -1.73 14.04 9.00
N LYS B 195 -1.43 14.67 7.87
CA LYS B 195 -2.26 15.73 7.31
C LYS B 195 -3.66 15.22 7.02
N GLN B 196 -3.78 13.93 6.78
CA GLN B 196 -5.05 13.31 6.43
C GLN B 196 -5.86 12.83 7.63
N VAL B 197 -5.24 12.66 8.79
CA VAL B 197 -5.95 12.14 9.96
C VAL B 197 -6.06 13.09 11.15
N LEU B 198 -5.08 13.97 11.31
CA LEU B 198 -5.06 14.89 12.44
C LEU B 198 -5.21 16.37 12.08
N PRO B 199 -5.66 17.19 13.04
CA PRO B 199 -5.84 18.63 12.82
C PRO B 199 -4.46 19.31 12.89
N GLU B 200 -4.37 20.58 12.52
CA GLU B 200 -3.09 21.28 12.53
C GLU B 200 -2.33 21.29 13.86
N SER B 201 -3.04 21.52 14.96
CA SER B 201 -2.42 21.50 16.29
C SER B 201 -2.89 20.29 17.05
N VAL B 202 -1.96 19.62 17.71
CA VAL B 202 -2.26 18.43 18.48
C VAL B 202 -1.54 18.39 19.80
N ASN B 203 -1.79 17.35 20.57
CA ASN B 203 -1.15 17.11 21.86
C ASN B 203 -0.41 15.81 21.68
N VAL B 204 0.72 15.66 22.36
CA VAL B 204 1.46 14.42 22.26
C VAL B 204 1.59 13.92 23.68
N GLY B 205 1.61 12.61 23.88
CA GLY B 205 1.73 12.08 25.22
C GLY B 205 1.61 10.58 25.32
N PHE B 206 1.42 10.10 26.54
CA PHE B 206 1.30 8.67 26.79
C PHE B 206 -0.02 8.37 27.46
N SER B 207 -0.44 7.11 27.35
CA SER B 207 -1.68 6.66 27.95
C SER B 207 -1.51 5.17 28.17
N ALA B 208 -2.01 4.68 29.31
CA ALA B 208 -1.90 3.26 29.61
C ALA B 208 -3.11 2.80 30.41
N ALA B 209 -3.25 1.49 30.58
CA ALA B 209 -4.38 0.96 31.32
C ALA B 209 -4.12 -0.45 31.81
N THR B 210 -4.76 -0.79 32.92
CA THR B 210 -4.64 -2.13 33.47
C THR B 210 -5.97 -2.88 33.29
N GLY B 211 -5.99 -4.15 33.66
CA GLY B 211 -7.18 -4.98 33.52
C GLY B 211 -8.50 -4.33 33.86
N ASP B 212 -9.47 -4.49 32.98
CA ASP B 212 -10.80 -3.92 33.19
C ASP B 212 -11.59 -4.86 34.10
N PRO B 213 -12.42 -4.30 34.99
CA PRO B 213 -13.23 -5.11 35.91
C PRO B 213 -14.07 -6.19 35.22
N SER B 214 -14.60 -5.88 34.04
CA SER B 214 -15.42 -6.84 33.31
C SER B 214 -14.71 -8.16 33.07
N GLY B 215 -13.38 -8.14 33.08
CA GLY B 215 -12.61 -9.35 32.85
C GLY B 215 -12.61 -10.26 34.05
N LYS B 216 -13.01 -9.70 35.20
CA LYS B 216 -13.08 -10.45 36.45
C LYS B 216 -11.75 -11.09 36.86
N GLN B 217 -10.67 -10.32 36.75
CA GLN B 217 -9.34 -10.79 37.11
C GLN B 217 -8.49 -9.66 37.67
N ARG B 218 -8.30 -9.65 38.98
CA ARG B 218 -7.52 -8.62 39.63
C ARG B 218 -6.04 -8.76 39.29
N ASN B 219 -5.65 -9.95 38.83
CA ASN B 219 -4.28 -10.24 38.45
C ASN B 219 -3.92 -9.63 37.10
N ALA B 220 -4.94 -9.24 36.34
CA ALA B 220 -4.72 -8.65 35.03
C ALA B 220 -4.22 -7.24 35.19
N THR B 221 -2.97 -7.10 35.59
CA THR B 221 -2.40 -5.79 35.80
C THR B 221 -0.89 -5.83 35.65
N GLU B 222 -0.29 -4.64 35.68
CA GLU B 222 1.15 -4.46 35.54
C GLU B 222 1.43 -2.96 35.69
N THR B 223 2.70 -2.59 35.77
CA THR B 223 3.05 -1.19 35.87
C THR B 223 3.27 -0.64 34.46
N HIS B 224 3.20 0.68 34.33
CA HIS B 224 3.42 1.35 33.06
C HIS B 224 4.16 2.63 33.38
N ASP B 225 5.46 2.50 33.61
CA ASP B 225 6.28 3.64 33.97
C ASP B 225 7.10 4.25 32.85
N ILE B 226 7.09 5.58 32.80
CA ILE B 226 7.87 6.30 31.81
C ILE B 226 9.04 6.91 32.56
N LEU B 227 10.25 6.46 32.23
CA LEU B 227 11.46 6.96 32.89
C LEU B 227 11.97 8.31 32.40
N SER B 228 11.97 8.52 31.09
CA SER B 228 12.45 9.77 30.52
C SER B 228 11.78 9.98 29.17
N TRP B 229 11.81 11.22 28.67
CA TRP B 229 11.15 11.52 27.41
C TRP B 229 11.62 12.80 26.74
N SER B 230 12.01 12.70 25.47
CA SER B 230 12.42 13.86 24.71
C SER B 230 11.60 13.90 23.40
N PHE B 231 11.24 15.10 22.95
CA PHE B 231 10.46 15.26 21.73
C PHE B 231 11.04 16.36 20.90
N SER B 232 10.82 16.31 19.59
CA SER B 232 11.34 17.32 18.68
C SER B 232 10.60 17.26 17.34
N ALA B 233 10.11 18.42 16.89
CA ALA B 233 9.39 18.52 15.62
C ALA B 233 9.85 19.73 14.80
N SER B 234 10.00 19.52 13.50
CA SER B 234 10.43 20.59 12.59
C SER B 234 9.37 20.83 11.53
N LEU B 235 8.66 21.94 11.65
CA LEU B 235 7.62 22.29 10.69
C LEU B 235 8.17 23.41 9.83
N PRO B 236 8.61 23.10 8.60
CA PRO B 236 9.15 24.15 7.73
C PRO B 236 8.08 25.16 7.26
N GLY B 237 7.91 26.22 8.04
CA GLY B 237 6.93 27.25 7.73
C GLY B 237 5.86 27.39 8.81
N LYS C 1 -6.81 -19.47 2.31
CA LYS C 1 -8.26 -19.82 2.38
C LYS C 1 -9.06 -19.12 1.28
N THR C 2 -9.60 -19.90 0.36
CA THR C 2 -10.39 -19.32 -0.74
C THR C 2 -11.79 -19.92 -0.79
N ILE C 3 -12.80 -19.06 -0.77
CA ILE C 3 -14.19 -19.50 -0.83
C ILE C 3 -14.86 -18.90 -2.09
N SER C 4 -15.78 -19.65 -2.68
CA SER C 4 -16.47 -19.17 -3.87
C SER C 4 -17.71 -19.99 -4.26
N PHE C 5 -18.79 -19.28 -4.52
CA PHE C 5 -20.04 -19.92 -4.92
C PHE C 5 -20.53 -19.29 -6.21
N ASN C 6 -21.41 -19.99 -6.91
CA ASN C 6 -21.94 -19.49 -8.16
C ASN C 6 -23.40 -19.89 -8.35
N PHE C 7 -24.19 -18.97 -8.90
CA PHE C 7 -25.60 -19.22 -9.16
C PHE C 7 -25.89 -18.73 -10.56
N ASN C 8 -26.05 -19.64 -11.52
CA ASN C 8 -26.35 -19.28 -12.90
C ASN C 8 -27.83 -18.89 -12.97
N GLN C 9 -28.60 -19.46 -12.06
CA GLN C 9 -30.03 -19.19 -11.95
C GLN C 9 -30.43 -19.63 -10.54
N PHE C 10 -31.49 -19.03 -10.02
CA PHE C 10 -31.94 -19.38 -8.68
C PHE C 10 -33.05 -20.42 -8.66
N HIS C 11 -32.80 -21.52 -7.97
CA HIS C 11 -33.77 -22.60 -7.84
C HIS C 11 -34.55 -22.33 -6.57
N GLN C 12 -35.77 -22.85 -6.51
CA GLN C 12 -36.62 -22.66 -5.34
C GLN C 12 -36.13 -23.48 -4.16
N ASN C 13 -36.46 -23.03 -2.96
CA ASN C 13 -36.06 -23.71 -1.74
C ASN C 13 -34.54 -24.01 -1.79
N GLU C 14 -33.78 -23.05 -2.32
CA GLU C 14 -32.33 -23.14 -2.43
C GLU C 14 -31.71 -23.22 -1.03
N GLU C 15 -30.80 -24.17 -0.82
CA GLU C 15 -30.17 -24.37 0.48
C GLU C 15 -29.03 -23.42 0.85
N GLN C 16 -28.45 -22.77 -0.16
CA GLN C 16 -27.35 -21.87 0.11
C GLN C 16 -27.76 -20.42 0.36
N LEU C 17 -29.06 -20.16 0.31
CA LEU C 17 -29.56 -18.81 0.52
C LEU C 17 -30.43 -18.67 1.76
N LYS C 18 -30.48 -17.44 2.26
CA LYS C 18 -31.31 -17.10 3.40
C LYS C 18 -32.17 -15.96 2.93
N LEU C 19 -33.44 -16.26 2.64
CA LEU C 19 -34.35 -15.22 2.19
C LEU C 19 -35.02 -14.61 3.43
N GLN C 20 -35.22 -13.30 3.40
CA GLN C 20 -35.83 -12.62 4.53
C GLN C 20 -36.89 -11.65 4.05
N ARG C 21 -37.96 -11.54 4.83
CA ARG C 21 -39.07 -10.66 4.50
C ARG C 21 -39.70 -11.01 3.14
N ASP C 22 -39.94 -10.01 2.30
CA ASP C 22 -40.59 -10.26 1.01
C ASP C 22 -39.78 -10.99 -0.05
N ALA C 23 -38.49 -11.21 0.22
CA ALA C 23 -37.64 -11.89 -0.75
C ALA C 23 -38.12 -13.32 -1.05
N ARG C 24 -38.14 -13.66 -2.35
CA ARG C 24 -38.55 -14.98 -2.79
C ARG C 24 -38.07 -15.30 -4.20
N ILE C 25 -37.99 -16.60 -4.50
CA ILE C 25 -37.54 -17.06 -5.81
C ILE C 25 -38.73 -17.46 -6.68
N SER C 26 -38.86 -16.83 -7.85
CA SER C 26 -39.95 -17.12 -8.77
C SER C 26 -39.78 -18.49 -9.42
N SER C 27 -40.87 -19.00 -9.98
CA SER C 27 -40.85 -20.30 -10.63
C SER C 27 -39.90 -20.36 -11.83
N ASN C 28 -39.71 -19.23 -12.50
CA ASN C 28 -38.80 -19.21 -13.65
C ASN C 28 -37.36 -18.82 -13.33
N SER C 29 -36.93 -19.09 -12.09
CA SER C 29 -35.55 -18.82 -11.70
C SER C 29 -34.99 -17.45 -11.34
N VAL C 30 -35.82 -16.45 -11.07
CA VAL C 30 -35.26 -15.15 -10.69
C VAL C 30 -35.46 -14.88 -9.21
N LEU C 31 -34.50 -14.18 -8.60
CA LEU C 31 -34.56 -13.83 -7.20
C LEU C 31 -35.21 -12.46 -7.08
N GLU C 32 -36.46 -12.43 -6.64
CA GLU C 32 -37.17 -11.17 -6.50
C GLU C 32 -37.06 -10.70 -5.06
N LEU C 33 -36.23 -9.68 -4.85
CA LEU C 33 -36.00 -9.12 -3.53
C LEU C 33 -37.26 -8.48 -2.97
N THR C 34 -37.98 -7.74 -3.80
CA THR C 34 -39.20 -7.10 -3.35
C THR C 34 -40.46 -7.70 -3.96
N LYS C 35 -41.56 -7.54 -3.22
CA LYS C 35 -42.87 -8.07 -3.60
C LYS C 35 -43.39 -7.59 -4.95
N VAL C 36 -43.88 -8.55 -5.74
CA VAL C 36 -44.46 -8.27 -7.04
C VAL C 36 -45.63 -9.25 -7.19
N VAL C 37 -46.84 -8.70 -7.29
CA VAL C 37 -48.01 -9.55 -7.42
C VAL C 37 -48.72 -9.38 -8.76
N ASN C 38 -48.89 -10.48 -9.46
CA ASN C 38 -49.56 -10.48 -10.75
C ASN C 38 -48.80 -9.58 -11.72
N GLY C 39 -47.48 -9.70 -11.70
CA GLY C 39 -46.64 -8.92 -12.58
C GLY C 39 -46.58 -7.45 -12.24
N VAL C 40 -47.05 -7.09 -11.04
CA VAL C 40 -47.03 -5.69 -10.62
C VAL C 40 -46.27 -5.51 -9.33
N PRO C 41 -45.29 -4.59 -9.31
CA PRO C 41 -44.51 -4.33 -8.10
C PRO C 41 -45.33 -3.57 -7.06
N THR C 42 -45.24 -4.02 -5.82
CA THR C 42 -45.96 -3.45 -4.70
C THR C 42 -45.08 -2.46 -3.94
N TRP C 43 -45.71 -1.53 -3.22
CA TRP C 43 -44.99 -0.57 -2.41
C TRP C 43 -44.89 -1.22 -1.03
N ASN C 44 -44.29 -0.51 -0.07
CA ASN C 44 -44.14 -1.04 1.29
C ASN C 44 -43.56 -2.44 1.32
N SER C 45 -42.59 -2.69 0.44
CA SER C 45 -41.94 -3.99 0.39
C SER C 45 -40.44 -3.91 0.69
N THR C 46 -39.95 -4.92 1.40
CA THR C 46 -38.55 -4.99 1.80
C THR C 46 -38.12 -6.45 1.84
N GLY C 47 -37.00 -6.77 1.19
CA GLY C 47 -36.51 -8.13 1.19
C GLY C 47 -35.01 -8.23 1.08
N ARG C 48 -34.45 -9.33 1.60
CA ARG C 48 -33.01 -9.56 1.56
C ARG C 48 -32.71 -11.00 1.24
N ALA C 49 -31.49 -11.24 0.80
CA ALA C 49 -31.01 -12.57 0.44
C ALA C 49 -29.56 -12.63 0.87
N LEU C 50 -29.24 -13.56 1.76
CA LEU C 50 -27.88 -13.73 2.27
C LEU C 50 -27.33 -15.09 1.89
N TYR C 51 -26.03 -15.16 1.64
CA TYR C 51 -25.42 -16.44 1.36
C TYR C 51 -25.47 -17.13 2.74
N ALA C 52 -26.05 -18.33 2.78
CA ALA C 52 -26.22 -19.07 4.02
C ALA C 52 -25.00 -19.22 4.93
N LYS C 53 -23.82 -19.41 4.36
CA LYS C 53 -22.62 -19.56 5.16
C LYS C 53 -21.85 -18.25 5.31
N PRO C 54 -21.24 -18.03 6.48
CA PRO C 54 -20.48 -16.79 6.68
C PRO C 54 -19.14 -16.91 5.98
N VAL C 55 -18.58 -15.77 5.59
CA VAL C 55 -17.28 -15.74 4.93
C VAL C 55 -16.33 -14.92 5.80
N GLN C 56 -15.05 -15.30 5.82
CA GLN C 56 -14.07 -14.60 6.63
C GLN C 56 -13.35 -13.54 5.80
N VAL C 57 -13.63 -12.26 6.05
CA VAL C 57 -12.98 -11.18 5.30
C VAL C 57 -11.59 -10.83 5.83
N TRP C 58 -11.31 -11.16 7.10
CA TRP C 58 -10.00 -10.91 7.68
C TRP C 58 -9.70 -11.83 8.88
N ASP C 59 -8.41 -12.00 9.14
CA ASP C 59 -7.93 -12.86 10.21
C ASP C 59 -7.14 -12.06 11.24
N SER C 60 -7.63 -12.00 12.47
CA SER C 60 -6.95 -11.23 13.52
C SER C 60 -5.60 -11.82 13.92
N THR C 61 -5.41 -13.12 13.70
CA THR C 61 -4.15 -13.78 14.04
C THR C 61 -3.00 -13.27 13.19
N THR C 62 -3.23 -13.20 11.88
CA THR C 62 -2.20 -12.74 10.94
C THR C 62 -2.39 -11.29 10.53
N GLY C 63 -3.58 -10.75 10.82
CA GLY C 63 -3.87 -9.37 10.46
C GLY C 63 -4.17 -9.18 8.99
N ASN C 64 -4.11 -10.26 8.21
CA ASN C 64 -4.39 -10.20 6.77
C ASN C 64 -5.86 -9.97 6.44
N VAL C 65 -6.09 -9.27 5.34
CA VAL C 65 -7.45 -8.98 4.89
C VAL C 65 -7.66 -9.70 3.56
N ALA C 66 -8.89 -10.14 3.33
CA ALA C 66 -9.22 -10.84 2.11
C ALA C 66 -9.47 -9.92 0.93
N SER C 67 -9.22 -10.44 -0.27
CA SER C 67 -9.50 -9.73 -1.50
C SER C 67 -10.67 -10.51 -2.06
N PHE C 68 -11.60 -9.83 -2.72
CA PHE C 68 -12.74 -10.56 -3.26
C PHE C 68 -13.27 -9.93 -4.54
N GLU C 69 -14.00 -10.73 -5.29
CA GLU C 69 -14.61 -10.29 -6.52
C GLU C 69 -16.01 -10.89 -6.57
N THR C 70 -16.99 -10.08 -6.96
CA THR C 70 -18.34 -10.58 -7.06
C THR C 70 -18.99 -9.98 -8.31
N ARG C 71 -19.73 -10.83 -9.04
CA ARG C 71 -20.42 -10.40 -10.25
C ARG C 71 -21.86 -10.83 -10.16
N PHE C 72 -22.76 -9.98 -10.62
CA PHE C 72 -24.17 -10.31 -10.62
C PHE C 72 -24.91 -9.52 -11.66
N SER C 73 -26.11 -10.00 -12.00
CA SER C 73 -26.96 -9.33 -12.98
C SER C 73 -28.29 -9.06 -12.30
N PHE C 74 -28.80 -7.86 -12.51
CA PHE C 74 -30.07 -7.53 -11.92
C PHE C 74 -30.91 -6.82 -12.95
N SER C 75 -32.17 -6.63 -12.62
CA SER C 75 -33.07 -5.93 -13.52
C SER C 75 -34.06 -5.17 -12.65
N ILE C 76 -34.28 -3.91 -13.02
CA ILE C 76 -35.20 -3.04 -12.31
C ILE C 76 -36.22 -2.55 -13.33
N ARG C 77 -37.47 -2.96 -13.17
CA ARG C 77 -38.52 -2.53 -14.08
C ARG C 77 -39.32 -1.47 -13.32
N GLN C 78 -39.44 -0.29 -13.93
CA GLN C 78 -40.20 0.81 -13.33
C GLN C 78 -41.47 1.01 -14.16
N PRO C 79 -42.58 0.38 -13.74
CA PRO C 79 -43.87 0.47 -14.44
C PRO C 79 -44.56 1.81 -14.29
N PHE C 80 -44.34 2.48 -13.17
CA PHE C 80 -44.99 3.76 -12.92
C PHE C 80 -43.99 4.90 -12.93
N PRO C 81 -43.69 5.43 -14.13
CA PRO C 81 -42.73 6.52 -14.29
C PRO C 81 -43.05 7.69 -13.35
N ARG C 82 -44.33 8.00 -13.22
CA ARG C 82 -44.75 9.09 -12.34
C ARG C 82 -45.47 8.51 -11.13
N PRO C 83 -45.30 9.12 -9.95
CA PRO C 83 -44.48 10.31 -9.71
C PRO C 83 -42.99 10.05 -9.43
N HIS C 84 -42.64 8.81 -9.06
CA HIS C 84 -41.25 8.50 -8.78
C HIS C 84 -41.01 7.07 -8.30
N PRO C 85 -40.19 6.30 -9.04
CA PRO C 85 -39.88 4.91 -8.64
C PRO C 85 -39.03 4.87 -7.36
N ALA C 86 -39.12 3.79 -6.59
CA ALA C 86 -38.36 3.67 -5.35
C ALA C 86 -38.26 2.22 -4.85
N ASP C 87 -37.22 1.87 -4.09
CA ASP C 87 -36.15 2.80 -3.71
C ASP C 87 -34.81 2.37 -4.29
N GLY C 88 -34.66 1.08 -4.56
CA GLY C 88 -33.43 0.59 -5.13
C GLY C 88 -32.97 -0.69 -4.47
N LEU C 89 -31.80 -1.17 -4.89
CA LEU C 89 -31.25 -2.41 -4.34
C LEU C 89 -29.78 -2.18 -4.01
N VAL C 90 -29.24 -3.02 -3.14
CA VAL C 90 -27.85 -2.91 -2.75
C VAL C 90 -27.22 -4.26 -2.55
N PHE C 91 -25.90 -4.30 -2.76
CA PHE C 91 -25.15 -5.51 -2.49
C PHE C 91 -24.47 -5.08 -1.20
N PHE C 92 -24.45 -5.94 -0.18
CA PHE C 92 -23.82 -5.53 1.06
C PHE C 92 -23.08 -6.62 1.84
N ILE C 93 -22.27 -6.16 2.78
CA ILE C 93 -21.50 -7.03 3.66
C ILE C 93 -21.80 -6.56 5.08
N ALA C 94 -22.18 -7.48 5.95
CA ALA C 94 -22.51 -7.13 7.32
C ALA C 94 -22.18 -8.26 8.30
N PRO C 95 -22.31 -7.98 9.61
CA PRO C 95 -22.01 -9.04 10.59
C PRO C 95 -23.02 -10.16 10.39
N PRO C 96 -22.65 -11.39 10.77
CA PRO C 96 -23.62 -12.47 10.58
C PRO C 96 -24.82 -12.39 11.52
N ASN C 97 -25.94 -12.98 11.10
CA ASN C 97 -27.18 -13.03 11.90
C ASN C 97 -27.93 -11.72 12.17
N THR C 98 -27.95 -10.82 11.20
CA THR C 98 -28.66 -9.55 11.38
C THR C 98 -30.08 -9.66 10.87
N GLN C 99 -30.94 -8.73 11.28
CA GLN C 99 -32.34 -8.72 10.84
C GLN C 99 -32.53 -7.60 9.83
N THR C 100 -33.56 -7.73 8.99
CA THR C 100 -33.84 -6.70 8.01
C THR C 100 -34.09 -5.38 8.73
N GLY C 101 -33.45 -4.31 8.25
CA GLY C 101 -33.62 -3.02 8.87
C GLY C 101 -34.77 -2.26 8.28
N GLU C 102 -34.77 -0.95 8.49
CA GLU C 102 -35.81 -0.06 7.97
C GLU C 102 -35.85 -0.16 6.44
N GLY C 103 -37.05 -0.05 5.86
CA GLY C 103 -37.17 -0.11 4.42
C GLY C 103 -37.03 1.26 3.80
N GLY C 104 -37.69 1.46 2.67
CA GLY C 104 -37.64 2.75 1.99
C GLY C 104 -36.21 3.14 1.64
N GLY C 105 -35.89 4.41 1.87
CA GLY C 105 -34.56 4.91 1.55
C GLY C 105 -33.43 4.20 2.26
N TYR C 106 -33.74 3.37 3.25
CA TYR C 106 -32.70 2.65 3.97
C TYR C 106 -32.40 1.27 3.40
N PHE C 107 -33.10 0.92 2.33
CA PHE C 107 -32.89 -0.36 1.63
C PHE C 107 -33.01 -1.63 2.47
N GLY C 108 -33.37 -1.49 3.74
CA GLY C 108 -33.48 -2.67 4.58
C GLY C 108 -32.19 -3.08 5.25
N ILE C 109 -31.16 -2.22 5.20
CA ILE C 109 -29.88 -2.53 5.84
C ILE C 109 -29.57 -1.62 7.02
N TYR C 110 -30.28 -0.49 7.10
CA TYR C 110 -30.07 0.44 8.20
C TYR C 110 -31.19 0.36 9.21
N ASN C 111 -30.81 0.33 10.49
CA ASN C 111 -31.76 0.25 11.59
C ASN C 111 -31.43 1.34 12.61
N PRO C 112 -32.09 2.50 12.51
CA PRO C 112 -31.82 3.59 13.45
C PRO C 112 -31.88 3.14 14.92
N LEU C 113 -32.77 2.19 15.20
CA LEU C 113 -32.94 1.68 16.55
C LEU C 113 -31.81 0.87 17.15
N SER C 114 -30.95 0.32 16.29
CA SER C 114 -29.81 -0.49 16.73
C SER C 114 -28.94 -0.77 15.50
N PRO C 115 -28.16 0.23 15.07
CA PRO C 115 -27.29 0.11 13.90
C PRO C 115 -26.15 -0.90 14.03
N TYR C 116 -25.91 -1.63 12.93
CA TYR C 116 -24.80 -2.57 12.87
C TYR C 116 -23.95 -2.10 11.69
N PRO C 117 -22.63 -2.33 11.73
CA PRO C 117 -21.76 -1.90 10.64
C PRO C 117 -22.02 -2.63 9.33
N PHE C 118 -21.65 -2.00 8.21
CA PHE C 118 -21.84 -2.61 6.91
C PHE C 118 -21.18 -1.82 5.80
N VAL C 119 -20.80 -2.53 4.75
CA VAL C 119 -20.21 -1.93 3.56
C VAL C 119 -21.20 -2.32 2.48
N ALA C 120 -21.70 -1.35 1.73
CA ALA C 120 -22.66 -1.67 0.69
C ALA C 120 -22.45 -0.88 -0.58
N VAL C 121 -22.85 -1.48 -1.71
CA VAL C 121 -22.77 -0.79 -2.99
C VAL C 121 -24.24 -0.67 -3.36
N GLU C 122 -24.70 0.56 -3.52
CA GLU C 122 -26.10 0.79 -3.82
C GLU C 122 -26.40 1.26 -5.24
N PHE C 123 -27.61 0.95 -5.67
CA PHE C 123 -28.13 1.35 -6.97
C PHE C 123 -29.44 2.02 -6.53
N ASP C 124 -29.32 3.32 -6.29
CA ASP C 124 -30.40 4.18 -5.79
C ASP C 124 -31.26 4.79 -6.88
N THR C 125 -32.56 4.54 -6.78
CA THR C 125 -33.53 5.04 -7.74
C THR C 125 -34.39 6.21 -7.24
N PHE C 126 -34.40 6.42 -5.92
CA PHE C 126 -35.18 7.50 -5.33
C PHE C 126 -34.29 8.52 -4.65
N ARG C 127 -34.60 9.80 -4.83
CA ARG C 127 -33.80 10.86 -4.23
C ARG C 127 -34.27 11.32 -2.86
N ASN C 128 -33.61 10.85 -1.81
CA ASN C 128 -33.95 11.24 -0.44
C ASN C 128 -33.30 12.58 -0.14
N THR C 129 -33.56 13.14 1.04
CA THR C 129 -33.00 14.43 1.42
C THR C 129 -31.48 14.45 1.40
N TRP C 130 -30.88 13.27 1.56
CA TRP C 130 -29.43 13.12 1.60
C TRP C 130 -28.80 12.66 0.28
N ASP C 131 -29.61 12.52 -0.76
CA ASP C 131 -29.15 12.03 -2.06
C ASP C 131 -28.95 13.07 -3.14
N PRO C 132 -28.05 12.76 -4.10
CA PRO C 132 -27.77 13.64 -5.23
C PRO C 132 -28.73 13.14 -6.30
N GLN C 133 -28.69 13.73 -7.49
CA GLN C 133 -29.57 13.31 -8.58
C GLN C 133 -29.58 11.77 -8.72
N ILE C 134 -30.74 11.19 -9.02
CA ILE C 134 -30.84 9.75 -9.19
C ILE C 134 -31.18 9.44 -10.65
N PRO C 135 -30.92 8.20 -11.09
CA PRO C 135 -30.32 7.09 -10.32
C PRO C 135 -28.82 7.31 -10.16
N HIS C 136 -28.22 6.61 -9.20
CA HIS C 136 -26.78 6.72 -9.01
C HIS C 136 -26.23 5.50 -8.30
N ILE C 137 -24.97 5.21 -8.56
CA ILE C 137 -24.31 4.11 -7.88
C ILE C 137 -23.67 4.81 -6.69
N GLY C 138 -23.58 4.13 -5.57
CA GLY C 138 -22.97 4.75 -4.41
C GLY C 138 -22.29 3.73 -3.54
N ILE C 139 -21.21 4.15 -2.89
CA ILE C 139 -20.49 3.28 -1.97
C ILE C 139 -20.84 3.75 -0.58
N ASP C 140 -21.45 2.87 0.20
CA ASP C 140 -21.86 3.19 1.55
C ASP C 140 -21.08 2.44 2.61
N VAL C 141 -20.64 3.18 3.63
CA VAL C 141 -19.91 2.59 4.72
C VAL C 141 -20.62 2.98 6.02
N ASN C 142 -21.27 2.02 6.65
CA ASN C 142 -22.00 2.23 7.91
C ASN C 142 -23.16 3.22 7.83
N SER C 143 -23.38 3.77 6.65
CA SER C 143 -24.45 4.73 6.49
C SER C 143 -24.95 4.72 5.05
N VAL C 144 -26.18 5.18 4.88
CA VAL C 144 -26.80 5.23 3.56
C VAL C 144 -26.43 6.53 2.85
N ILE C 145 -25.65 7.37 3.53
CA ILE C 145 -25.22 8.62 2.94
C ILE C 145 -23.82 8.35 2.37
N SER C 146 -23.81 7.96 1.09
CA SER C 146 -22.61 7.58 0.33
C SER C 146 -21.33 8.41 0.44
N THR C 147 -20.20 7.73 0.39
CA THR C 147 -18.90 8.39 0.45
C THR C 147 -18.56 8.88 -0.94
N LYS C 148 -18.93 8.07 -1.95
CA LYS C 148 -18.69 8.41 -3.34
C LYS C 148 -19.95 8.10 -4.13
N THR C 149 -20.21 8.89 -5.15
CA THR C 149 -21.42 8.72 -5.95
C THR C 149 -21.20 9.00 -7.43
N VAL C 150 -21.89 8.25 -8.29
CA VAL C 150 -21.80 8.46 -9.72
C VAL C 150 -23.19 8.22 -10.33
N PRO C 151 -23.66 9.16 -11.18
CA PRO C 151 -24.98 9.01 -11.80
C PRO C 151 -24.96 8.03 -12.97
N PHE C 152 -26.09 7.35 -13.18
CA PHE C 152 -26.20 6.42 -14.29
C PHE C 152 -27.64 6.44 -14.81
N THR C 153 -27.80 6.10 -16.07
CA THR C 153 -29.12 6.05 -16.70
C THR C 153 -29.57 4.60 -16.75
N LEU C 154 -30.70 4.31 -16.10
CA LEU C 154 -31.21 2.96 -16.04
C LEU C 154 -31.84 2.44 -17.34
N ASP C 155 -31.58 1.17 -17.63
CA ASP C 155 -32.16 0.55 -18.81
C ASP C 155 -33.40 -0.13 -18.25
N ASN C 156 -34.51 0.61 -18.24
CA ASN C 156 -35.77 0.12 -17.68
C ASN C 156 -36.15 -1.27 -18.13
N GLY C 157 -36.16 -2.20 -17.19
CA GLY C 157 -36.51 -3.57 -17.51
C GLY C 157 -35.38 -4.34 -18.17
N GLY C 158 -34.35 -3.62 -18.62
CA GLY C 158 -33.22 -4.27 -19.26
C GLY C 158 -32.36 -5.04 -18.26
N ILE C 159 -31.31 -5.67 -18.75
CA ILE C 159 -30.42 -6.43 -17.88
C ILE C 159 -29.17 -5.61 -17.58
N ALA C 160 -28.72 -5.67 -16.34
CA ALA C 160 -27.52 -4.95 -15.92
C ALA C 160 -26.48 -5.93 -15.39
N ASN C 161 -25.23 -5.70 -15.76
CA ASN C 161 -24.13 -6.55 -15.32
C ASN C 161 -23.28 -5.73 -14.37
N VAL C 162 -23.03 -6.28 -13.19
CA VAL C 162 -22.23 -5.59 -12.19
C VAL C 162 -21.02 -6.39 -11.78
N VAL C 163 -19.89 -5.71 -11.66
CA VAL C 163 -18.66 -6.34 -11.20
C VAL C 163 -18.13 -5.51 -10.04
N ILE C 164 -18.05 -6.14 -8.87
CA ILE C 164 -17.54 -5.45 -7.69
C ILE C 164 -16.27 -6.20 -7.30
N LYS C 165 -15.18 -5.46 -7.20
CA LYS C 165 -13.89 -6.05 -6.88
C LYS C 165 -13.22 -5.29 -5.76
N TYR C 166 -12.63 -6.03 -4.82
CA TYR C 166 -11.94 -5.39 -3.70
C TYR C 166 -10.53 -5.95 -3.58
N ASP C 167 -9.56 -5.06 -3.66
CA ASP C 167 -8.16 -5.44 -3.57
C ASP C 167 -7.62 -5.02 -2.19
N ALA C 168 -7.32 -6.01 -1.35
CA ALA C 168 -6.84 -5.76 0.01
C ALA C 168 -5.51 -5.00 0.10
N SER C 169 -4.60 -5.24 -0.83
CA SER C 169 -3.32 -4.56 -0.79
C SER C 169 -3.47 -3.05 -0.95
N THR C 170 -4.39 -2.61 -1.79
CA THR C 170 -4.58 -1.19 -2.02
C THR C 170 -5.82 -0.66 -1.30
N LYS C 171 -6.66 -1.57 -0.83
CA LYS C 171 -7.88 -1.19 -0.14
C LYS C 171 -8.87 -0.49 -1.07
N ILE C 172 -8.74 -0.73 -2.36
CA ILE C 172 -9.64 -0.11 -3.33
C ILE C 172 -10.85 -0.99 -3.64
N LEU C 173 -12.04 -0.40 -3.50
CA LEU C 173 -13.27 -1.11 -3.80
C LEU C 173 -13.73 -0.45 -5.09
N HIS C 174 -13.67 -1.18 -6.21
CA HIS C 174 -14.13 -0.62 -7.47
C HIS C 174 -15.30 -1.41 -8.04
N VAL C 175 -16.35 -0.69 -8.44
CA VAL C 175 -17.52 -1.34 -9.00
C VAL C 175 -17.73 -0.88 -10.43
N VAL C 176 -18.27 -1.76 -11.25
CA VAL C 176 -18.53 -1.47 -12.65
C VAL C 176 -19.96 -1.86 -12.97
N LEU C 177 -20.66 -0.97 -13.67
CA LEU C 177 -22.05 -1.19 -14.05
C LEU C 177 -22.16 -1.18 -15.57
N VAL C 178 -22.72 -2.23 -16.15
CA VAL C 178 -22.86 -2.29 -17.60
C VAL C 178 -24.25 -2.73 -18.05
N PHE C 179 -24.82 -1.96 -18.96
CA PHE C 179 -26.13 -2.26 -19.53
C PHE C 179 -25.83 -2.71 -20.97
N PRO C 180 -25.59 -4.03 -21.17
CA PRO C 180 -25.29 -4.58 -22.49
C PRO C 180 -26.18 -4.11 -23.64
N SER C 181 -27.48 -3.95 -23.40
CA SER C 181 -28.38 -3.51 -24.46
C SER C 181 -28.12 -2.08 -24.93
N LEU C 182 -27.55 -1.25 -24.07
CA LEU C 182 -27.27 0.13 -24.43
C LEU C 182 -25.78 0.34 -24.65
N GLY C 183 -24.98 -0.62 -24.23
CA GLY C 183 -23.55 -0.50 -24.38
C GLY C 183 -22.94 0.58 -23.49
N THR C 184 -23.67 1.01 -22.47
CA THR C 184 -23.18 2.04 -21.55
C THR C 184 -22.38 1.42 -20.40
N ILE C 185 -21.34 2.12 -19.98
CA ILE C 185 -20.46 1.67 -18.91
C ILE C 185 -20.30 2.74 -17.84
N TYR C 186 -20.51 2.36 -16.59
CA TYR C 186 -20.38 3.29 -15.46
C TYR C 186 -19.38 2.71 -14.50
N THR C 187 -18.50 3.56 -13.98
CA THR C 187 -17.49 3.08 -13.04
C THR C 187 -17.32 4.01 -11.84
N ILE C 188 -17.05 3.41 -10.69
CA ILE C 188 -16.86 4.14 -9.45
C ILE C 188 -15.95 3.34 -8.51
N ALA C 189 -15.14 4.05 -7.74
CA ALA C 189 -14.22 3.38 -6.84
C ALA C 189 -13.93 4.26 -5.63
N ASP C 190 -13.55 3.64 -4.52
CA ASP C 190 -13.21 4.40 -3.34
C ASP C 190 -12.38 3.51 -2.43
N ILE C 191 -11.78 4.12 -1.41
CA ILE C 191 -10.94 3.35 -0.50
C ILE C 191 -11.73 2.98 0.75
N VAL C 192 -11.76 1.69 1.03
CA VAL C 192 -12.49 1.17 2.19
C VAL C 192 -11.60 0.19 2.95
N ASP C 193 -11.47 0.39 4.25
CA ASP C 193 -10.66 -0.51 5.06
C ASP C 193 -11.59 -1.46 5.77
N LEU C 194 -11.83 -2.62 5.18
CA LEU C 194 -12.75 -3.60 5.76
C LEU C 194 -12.39 -3.97 7.19
N LYS C 195 -11.10 -4.11 7.44
CA LYS C 195 -10.58 -4.47 8.75
C LYS C 195 -10.99 -3.46 9.81
N GLN C 196 -11.22 -2.23 9.36
CA GLN C 196 -11.58 -1.14 10.25
C GLN C 196 -13.07 -0.97 10.51
N VAL C 197 -13.91 -1.56 9.66
CA VAL C 197 -15.36 -1.40 9.83
C VAL C 197 -16.14 -2.67 10.09
N LEU C 198 -15.65 -3.80 9.61
CA LEU C 198 -16.36 -5.06 9.80
C LEU C 198 -15.64 -6.09 10.66
N PRO C 199 -16.38 -7.04 11.22
CA PRO C 199 -15.80 -8.09 12.07
C PRO C 199 -15.16 -9.14 11.17
N GLU C 200 -14.40 -10.07 11.75
CA GLU C 200 -13.73 -11.11 10.96
C GLU C 200 -14.64 -11.94 10.03
N SER C 201 -15.78 -12.38 10.54
CA SER C 201 -16.71 -13.16 9.73
C SER C 201 -17.94 -12.34 9.44
N VAL C 202 -18.37 -12.35 8.18
CA VAL C 202 -19.52 -11.58 7.76
C VAL C 202 -20.45 -12.38 6.83
N ASN C 203 -21.54 -11.73 6.43
CA ASN C 203 -22.49 -12.34 5.49
C ASN C 203 -22.49 -11.40 4.29
N VAL C 204 -22.70 -11.95 3.11
CA VAL C 204 -22.74 -11.14 1.91
C VAL C 204 -24.09 -11.39 1.27
N GLY C 205 -24.66 -10.38 0.63
CA GLY C 205 -25.94 -10.58 0.01
C GLY C 205 -26.55 -9.32 -0.59
N PHE C 206 -27.85 -9.39 -0.89
CA PHE C 206 -28.55 -8.25 -1.47
C PHE C 206 -29.73 -7.85 -0.60
N SER C 207 -30.17 -6.62 -0.78
CA SER C 207 -31.31 -6.10 -0.04
C SER C 207 -31.89 -5.00 -0.89
N ALA C 208 -33.21 -4.91 -0.91
CA ALA C 208 -33.89 -3.89 -1.71
C ALA C 208 -35.16 -3.44 -1.02
N ALA C 209 -35.76 -2.38 -1.53
CA ALA C 209 -37.00 -1.87 -0.94
C ALA C 209 -37.76 -1.00 -1.92
N THR C 210 -39.07 -0.97 -1.73
CA THR C 210 -39.94 -0.15 -2.55
C THR C 210 -40.49 1.00 -1.70
N GLY C 211 -41.23 1.90 -2.34
CA GLY C 211 -41.80 3.05 -1.65
C GLY C 211 -42.37 2.79 -0.27
N ASP C 212 -42.01 3.66 0.68
CA ASP C 212 -42.49 3.55 2.04
C ASP C 212 -43.86 4.20 2.13
N PRO C 213 -44.76 3.62 2.94
CA PRO C 213 -46.13 4.14 3.13
C PRO C 213 -46.19 5.64 3.45
N SER C 214 -45.27 6.08 4.30
CA SER C 214 -45.23 7.48 4.69
C SER C 214 -45.14 8.46 3.52
N GLY C 215 -44.67 7.97 2.38
CA GLY C 215 -44.55 8.83 1.21
C GLY C 215 -45.88 9.07 0.54
N LYS C 216 -46.87 8.25 0.91
CA LYS C 216 -48.23 8.34 0.40
C LYS C 216 -48.30 8.24 -1.14
N GLN C 217 -47.58 7.28 -1.70
CA GLN C 217 -47.54 7.08 -3.14
C GLN C 217 -47.37 5.60 -3.48
N ARG C 218 -48.45 4.95 -3.90
CA ARG C 218 -48.38 3.55 -4.24
C ARG C 218 -47.60 3.31 -5.52
N ASN C 219 -47.45 4.37 -6.32
CA ASN C 219 -46.71 4.25 -7.56
C ASN C 219 -45.20 4.27 -7.32
N ALA C 220 -44.80 4.62 -6.11
CA ALA C 220 -43.39 4.65 -5.75
C ALA C 220 -42.90 3.23 -5.58
N THR C 221 -42.72 2.52 -6.69
CA THR C 221 -42.29 1.15 -6.61
C THR C 221 -41.64 0.73 -7.92
N GLU C 222 -41.08 -0.49 -7.92
CA GLU C 222 -40.39 -1.06 -9.09
C GLU C 222 -39.95 -2.46 -8.67
N THR C 223 -39.41 -3.22 -9.61
CA THR C 223 -38.94 -4.56 -9.30
C THR C 223 -37.45 -4.48 -8.94
N HIS C 224 -36.97 -5.50 -8.24
CA HIS C 224 -35.56 -5.60 -7.85
C HIS C 224 -35.19 -7.05 -8.00
N ASP C 225 -34.95 -7.47 -9.25
CA ASP C 225 -34.61 -8.85 -9.55
C ASP C 225 -33.13 -9.15 -9.74
N ILE C 226 -32.68 -10.23 -9.10
CA ILE C 226 -31.30 -10.67 -9.22
C ILE C 226 -31.32 -11.91 -10.12
N LEU C 227 -30.73 -11.81 -11.32
CA LEU C 227 -30.75 -12.91 -12.26
C LEU C 227 -29.69 -13.98 -12.04
N SER C 228 -28.48 -13.57 -11.66
CA SER C 228 -27.37 -14.51 -11.42
C SER C 228 -26.38 -13.90 -10.45
N TRP C 229 -25.56 -14.73 -9.80
CA TRP C 229 -24.61 -14.22 -8.83
C TRP C 229 -23.45 -15.15 -8.52
N SER C 230 -22.23 -14.64 -8.66
CA SER C 230 -21.03 -15.43 -8.36
C SER C 230 -20.19 -14.62 -7.36
N PHE C 231 -19.54 -15.32 -6.45
CA PHE C 231 -18.73 -14.64 -5.46
C PHE C 231 -17.42 -15.39 -5.21
N SER C 232 -16.32 -14.65 -5.15
CA SER C 232 -15.02 -15.25 -4.90
C SER C 232 -14.23 -14.43 -3.89
N ALA C 233 -13.73 -15.08 -2.84
CA ALA C 233 -12.94 -14.38 -1.83
C ALA C 233 -11.69 -15.17 -1.46
N SER C 234 -10.57 -14.47 -1.29
CA SER C 234 -9.31 -15.11 -0.93
C SER C 234 -8.68 -14.43 0.27
N LEU C 235 -8.45 -15.20 1.33
CA LEU C 235 -7.85 -14.70 2.56
C LEU C 235 -6.53 -15.45 2.72
N PRO C 236 -5.41 -14.82 2.31
CA PRO C 236 -4.05 -15.39 2.38
C PRO C 236 -3.55 -15.77 3.77
N GLY C 237 -2.69 -16.78 3.81
CA GLY C 237 -2.13 -17.23 5.07
C GLY C 237 -3.11 -17.99 5.94
N LYS D 1 -11.06 25.52 -14.76
CA LYS D 1 -10.62 25.12 -16.13
C LYS D 1 -10.94 23.65 -16.38
N THR D 2 -11.57 23.38 -17.53
CA THR D 2 -11.94 22.01 -17.92
C THR D 2 -11.71 21.76 -19.41
N ILE D 3 -10.60 21.14 -19.74
CA ILE D 3 -10.29 20.82 -21.14
C ILE D 3 -10.94 19.50 -21.52
N SER D 4 -11.45 19.40 -22.74
CA SER D 4 -12.08 18.16 -23.18
C SER D 4 -12.19 18.12 -24.70
N PHE D 5 -12.01 16.94 -25.27
CA PHE D 5 -12.11 16.75 -26.70
C PHE D 5 -12.74 15.41 -27.02
N ASN D 6 -13.02 15.15 -28.29
CA ASN D 6 -13.64 13.89 -28.67
C ASN D 6 -13.43 13.58 -30.14
N PHE D 7 -13.25 12.30 -30.45
CA PHE D 7 -13.03 11.85 -31.82
C PHE D 7 -13.95 10.67 -32.11
N ASN D 8 -15.11 10.93 -32.70
CA ASN D 8 -16.05 9.87 -33.02
C ASN D 8 -15.39 8.94 -34.02
N GLN D 9 -14.50 9.51 -34.82
CA GLN D 9 -13.74 8.77 -35.81
C GLN D 9 -12.54 9.66 -36.09
N PHE D 10 -11.58 9.18 -36.89
CA PHE D 10 -10.39 9.99 -37.15
C PHE D 10 -10.30 10.55 -38.55
N HIS D 11 -10.28 11.87 -38.63
CA HIS D 11 -10.20 12.54 -39.93
C HIS D 11 -8.76 12.57 -40.42
N GLN D 12 -8.52 11.89 -41.54
CA GLN D 12 -7.20 11.85 -42.15
C GLN D 12 -6.73 13.30 -42.20
N ASN D 13 -5.46 13.53 -41.86
CA ASN D 13 -4.93 14.89 -41.84
C ASN D 13 -5.74 15.66 -40.80
N GLU D 14 -5.55 15.28 -39.54
CA GLU D 14 -6.21 15.90 -38.40
C GLU D 14 -5.27 16.90 -37.74
N GLU D 15 -5.81 18.08 -37.42
CA GLU D 15 -5.05 19.16 -36.81
C GLU D 15 -4.82 19.01 -35.30
N GLN D 16 -5.66 18.22 -34.64
CA GLN D 16 -5.55 18.06 -33.21
C GLN D 16 -4.64 16.93 -32.77
N LEU D 17 -4.08 16.21 -33.73
CA LEU D 17 -3.21 15.08 -33.41
C LEU D 17 -1.78 15.25 -33.88
N LYS D 18 -0.88 14.56 -33.21
CA LYS D 18 0.53 14.56 -33.56
C LYS D 18 0.89 13.10 -33.75
N LEU D 19 1.02 12.69 -35.01
CA LEU D 19 1.38 11.32 -35.31
C LEU D 19 2.89 11.24 -35.39
N GLN D 20 3.44 10.15 -34.86
CA GLN D 20 4.87 9.95 -34.86
C GLN D 20 5.22 8.55 -35.33
N ARG D 21 6.33 8.45 -36.05
CA ARG D 21 6.80 7.17 -36.58
C ARG D 21 5.78 6.55 -37.52
N ASP D 22 5.53 5.25 -37.36
CA ASP D 22 4.59 4.54 -38.22
C ASP D 22 3.12 4.88 -38.08
N ALA D 23 2.78 5.69 -37.08
CA ALA D 23 1.38 6.05 -36.86
C ALA D 23 0.78 6.79 -38.06
N ARG D 24 -0.44 6.40 -38.44
CA ARG D 24 -1.15 7.03 -39.53
C ARG D 24 -2.65 6.75 -39.52
N ILE D 25 -3.42 7.62 -40.16
CA ILE D 25 -4.86 7.47 -40.23
C ILE D 25 -5.28 6.91 -41.59
N SER D 26 -5.98 5.77 -41.57
CA SER D 26 -6.42 5.14 -42.79
C SER D 26 -7.56 5.93 -43.44
N SER D 27 -7.81 5.62 -44.71
CA SER D 27 -8.86 6.30 -45.47
C SER D 27 -10.25 6.09 -44.89
N ASN D 28 -10.47 4.94 -44.25
CA ASN D 28 -11.78 4.66 -43.68
C ASN D 28 -11.93 5.12 -42.22
N SER D 29 -11.19 6.17 -41.84
CA SER D 29 -11.30 6.74 -40.50
C SER D 29 -10.65 6.13 -39.26
N VAL D 30 -9.95 4.99 -39.36
CA VAL D 30 -9.34 4.43 -38.16
C VAL D 30 -7.89 4.86 -37.98
N LEU D 31 -7.49 5.00 -36.72
CA LEU D 31 -6.13 5.40 -36.38
C LEU D 31 -5.28 4.14 -36.20
N GLU D 32 -4.43 3.86 -37.18
CA GLU D 32 -3.57 2.69 -37.12
C GLU D 32 -2.23 3.10 -36.53
N LEU D 33 -2.01 2.71 -35.29
CA LEU D 33 -0.78 3.04 -34.58
C LEU D 33 0.43 2.36 -35.21
N THR D 34 0.27 1.10 -35.59
CA THR D 34 1.36 0.35 -36.19
C THR D 34 1.11 0.04 -37.66
N LYS D 35 2.22 -0.11 -38.40
CA LYS D 35 2.21 -0.38 -39.83
C LYS D 35 1.44 -1.63 -40.24
N VAL D 36 0.62 -1.48 -41.27
CA VAL D 36 -0.17 -2.57 -41.83
C VAL D 36 -0.19 -2.35 -43.34
N VAL D 37 0.39 -3.28 -44.10
CA VAL D 37 0.43 -3.16 -45.56
C VAL D 37 -0.40 -4.23 -46.26
N ASN D 38 -1.32 -3.77 -47.10
CA ASN D 38 -2.19 -4.68 -47.85
C ASN D 38 -2.97 -5.56 -46.90
N GLY D 39 -3.48 -4.95 -45.83
CA GLY D 39 -4.26 -5.68 -44.85
C GLY D 39 -3.46 -6.64 -44.00
N VAL D 40 -2.14 -6.49 -44.01
CA VAL D 40 -1.27 -7.36 -43.24
C VAL D 40 -0.39 -6.54 -42.29
N PRO D 41 -0.43 -6.87 -40.98
CA PRO D 41 0.39 -6.15 -40.01
C PRO D 41 1.86 -6.53 -40.13
N THR D 42 2.73 -5.53 -40.10
CA THR D 42 4.17 -5.75 -40.22
C THR D 42 4.83 -5.77 -38.86
N TRP D 43 6.02 -6.34 -38.80
CA TRP D 43 6.79 -6.38 -37.57
C TRP D 43 7.69 -5.15 -37.61
N ASN D 44 8.53 -4.97 -36.59
CA ASN D 44 9.45 -3.83 -36.56
C ASN D 44 8.73 -2.51 -36.76
N SER D 45 7.51 -2.40 -36.21
CA SER D 45 6.72 -1.18 -36.33
C SER D 45 6.42 -0.50 -34.99
N THR D 46 6.50 0.83 -34.98
CA THR D 46 6.25 1.61 -33.78
C THR D 46 5.59 2.93 -34.15
N GLY D 47 4.49 3.27 -33.48
CA GLY D 47 3.80 4.51 -33.77
C GLY D 47 3.10 5.10 -32.56
N ARG D 48 2.92 6.41 -32.57
CA ARG D 48 2.26 7.11 -31.47
C ARG D 48 1.34 8.18 -32.02
N ALA D 49 0.41 8.62 -31.18
CA ALA D 49 -0.53 9.65 -31.55
C ALA D 49 -0.78 10.45 -30.28
N LEU D 50 -0.49 11.74 -30.34
CA LEU D 50 -0.68 12.61 -29.18
C LEU D 50 -1.70 13.69 -29.50
N TYR D 51 -2.43 14.13 -28.48
CA TYR D 51 -3.37 15.21 -28.67
C TYR D 51 -2.45 16.42 -28.86
N ALA D 52 -2.64 17.16 -29.95
CA ALA D 52 -1.80 18.31 -30.28
C ALA D 52 -1.52 19.32 -29.18
N LYS D 53 -2.53 19.63 -28.38
CA LYS D 53 -2.34 20.61 -27.31
C LYS D 53 -2.07 19.97 -25.96
N PRO D 54 -1.20 20.60 -25.15
CA PRO D 54 -0.90 20.02 -23.84
C PRO D 54 -2.05 20.26 -22.89
N VAL D 55 -2.16 19.41 -21.88
CA VAL D 55 -3.22 19.54 -20.89
C VAL D 55 -2.55 19.72 -19.53
N GLN D 56 -3.16 20.51 -18.65
CA GLN D 56 -2.57 20.74 -17.35
C GLN D 56 -3.17 19.79 -16.32
N VAL D 57 -2.38 18.83 -15.85
CA VAL D 57 -2.88 17.86 -14.87
C VAL D 57 -2.83 18.37 -13.43
N TRP D 58 -1.99 19.38 -13.18
CA TRP D 58 -1.92 19.98 -11.85
C TRP D 58 -1.34 21.40 -11.88
N ASP D 59 -1.68 22.17 -10.84
CA ASP D 59 -1.25 23.56 -10.72
C ASP D 59 -0.41 23.76 -9.46
N SER D 60 0.85 24.15 -9.66
CA SER D 60 1.78 24.38 -8.55
C SER D 60 1.37 25.52 -7.62
N THR D 61 0.63 26.49 -8.18
CA THR D 61 0.17 27.64 -7.41
C THR D 61 -0.79 27.24 -6.29
N THR D 62 -1.80 26.46 -6.66
CA THR D 62 -2.81 26.01 -5.72
C THR D 62 -2.55 24.60 -5.19
N GLY D 63 -1.66 23.87 -5.87
CA GLY D 63 -1.33 22.52 -5.44
C GLY D 63 -2.39 21.49 -5.84
N ASN D 64 -3.47 21.97 -6.45
CA ASN D 64 -4.56 21.11 -6.89
C ASN D 64 -4.19 20.20 -8.06
N VAL D 65 -4.77 19.00 -8.08
CA VAL D 65 -4.52 18.05 -9.15
C VAL D 65 -5.84 17.83 -9.89
N ALA D 66 -5.73 17.59 -11.19
CA ALA D 66 -6.92 17.40 -12.00
C ALA D 66 -7.45 15.98 -11.94
N SER D 67 -8.75 15.86 -12.18
CA SER D 67 -9.41 14.55 -12.24
C SER D 67 -9.75 14.45 -13.72
N PHE D 68 -9.69 13.24 -14.26
CA PHE D 68 -10.01 13.10 -15.67
C PHE D 68 -10.66 11.78 -16.00
N GLU D 69 -11.29 11.73 -17.16
CA GLU D 69 -11.93 10.53 -17.64
C GLU D 69 -11.65 10.44 -19.13
N THR D 70 -11.32 9.25 -19.61
CA THR D 70 -11.06 9.07 -21.02
C THR D 70 -11.64 7.73 -21.44
N ARG D 71 -12.27 7.73 -22.61
CA ARG D 71 -12.88 6.53 -23.16
C ARG D 71 -12.39 6.36 -24.58
N PHE D 72 -12.15 5.12 -24.98
CA PHE D 72 -11.73 4.85 -26.34
C PHE D 72 -12.03 3.42 -26.72
N SER D 73 -12.05 3.17 -28.03
CA SER D 73 -12.29 1.84 -28.55
C SER D 73 -11.13 1.47 -29.44
N PHE D 74 -10.63 0.26 -29.29
CA PHE D 74 -9.54 -0.20 -30.10
C PHE D 74 -9.85 -1.58 -30.60
N SER D 75 -9.00 -2.06 -31.50
CA SER D 75 -9.16 -3.39 -32.02
C SER D 75 -7.78 -3.91 -32.35
N ILE D 76 -7.53 -5.15 -31.94
CA ILE D 76 -6.25 -5.80 -32.21
C ILE D 76 -6.55 -7.09 -32.95
N ARG D 77 -6.09 -7.15 -34.20
CA ARG D 77 -6.30 -8.35 -34.99
C ARG D 77 -4.99 -9.13 -35.00
N GLN D 78 -5.10 -10.42 -34.70
CA GLN D 78 -3.94 -11.31 -34.67
C GLN D 78 -4.01 -12.37 -35.77
N PRO D 79 -3.56 -12.01 -36.99
CA PRO D 79 -3.57 -12.90 -38.16
C PRO D 79 -2.81 -14.20 -37.90
N PHE D 80 -1.60 -14.06 -37.36
CA PHE D 80 -0.71 -15.19 -37.09
C PHE D 80 -0.71 -15.64 -35.63
N PRO D 81 -1.50 -16.67 -35.31
CA PRO D 81 -1.62 -17.23 -33.96
C PRO D 81 -0.34 -17.88 -33.44
N ARG D 82 0.63 -18.09 -34.33
CA ARG D 82 1.90 -18.71 -33.95
C ARG D 82 3.04 -17.93 -34.60
N PRO D 83 4.17 -17.82 -33.89
CA PRO D 83 4.44 -18.37 -32.55
C PRO D 83 3.83 -17.52 -31.45
N HIS D 84 3.86 -16.21 -31.66
CA HIS D 84 3.37 -15.27 -30.66
C HIS D 84 3.16 -13.87 -31.20
N PRO D 85 1.92 -13.35 -31.09
CA PRO D 85 1.57 -12.00 -31.55
C PRO D 85 2.29 -11.02 -30.63
N ALA D 86 2.52 -9.78 -31.06
CA ALA D 86 3.22 -8.78 -30.23
C ALA D 86 3.12 -7.35 -30.76
N ASP D 87 3.29 -6.32 -29.92
CA ASP D 87 3.55 -6.42 -28.48
C ASP D 87 2.38 -5.89 -27.66
N GLY D 88 1.63 -4.97 -28.25
CA GLY D 88 0.49 -4.39 -27.56
C GLY D 88 0.42 -2.89 -27.75
N LEU D 89 -0.55 -2.28 -27.09
CA LEU D 89 -0.71 -0.83 -27.17
C LEU D 89 -0.95 -0.28 -25.79
N VAL D 90 -0.69 1.02 -25.62
CA VAL D 90 -0.90 1.67 -24.34
C VAL D 90 -1.45 3.07 -24.50
N PHE D 91 -2.16 3.52 -23.46
CA PHE D 91 -2.66 4.86 -23.39
C PHE D 91 -1.66 5.43 -22.40
N PHE D 92 -1.12 6.61 -22.65
CA PHE D 92 -0.14 7.15 -21.73
C PHE D 92 -0.16 8.66 -21.55
N ILE D 93 0.48 9.10 -20.47
CA ILE D 93 0.60 10.51 -20.11
C ILE D 93 2.09 10.75 -19.90
N ALA D 94 2.65 11.75 -20.55
CA ALA D 94 4.08 12.04 -20.40
C ALA D 94 4.38 13.52 -20.58
N PRO D 95 5.64 13.93 -20.33
CA PRO D 95 5.99 15.34 -20.49
C PRO D 95 5.80 15.73 -21.95
N PRO D 96 5.53 17.02 -22.21
CA PRO D 96 5.35 17.41 -23.61
C PRO D 96 6.66 17.35 -24.41
N ASN D 97 6.55 17.12 -25.72
CA ASN D 97 7.73 17.07 -26.60
C ASN D 97 8.71 15.92 -26.35
N THR D 98 8.21 14.71 -26.09
CA THR D 98 9.07 13.54 -25.90
C THR D 98 9.17 12.80 -27.23
N GLN D 99 10.20 11.97 -27.37
CA GLN D 99 10.38 11.22 -28.62
C GLN D 99 10.00 9.76 -28.41
N THR D 100 9.68 9.07 -29.50
CA THR D 100 9.32 7.67 -29.41
C THR D 100 10.47 6.89 -28.78
N GLY D 101 10.15 6.07 -27.78
CA GLY D 101 11.18 5.28 -27.12
C GLY D 101 11.42 3.97 -27.83
N GLU D 102 12.02 3.03 -27.10
CA GLU D 102 12.32 1.71 -27.65
C GLU D 102 11.01 1.03 -28.02
N GLY D 103 11.06 0.20 -29.06
CA GLY D 103 9.87 -0.52 -29.50
C GLY D 103 9.75 -1.86 -28.80
N GLY D 104 9.14 -2.82 -29.48
CA GLY D 104 8.97 -4.14 -28.90
C GLY D 104 8.21 -4.09 -27.58
N GLY D 105 8.70 -4.86 -26.61
CA GLY D 105 8.05 -4.92 -25.32
C GLY D 105 7.94 -3.59 -24.57
N TYR D 106 8.62 -2.57 -25.08
CA TYR D 106 8.59 -1.24 -24.45
C TYR D 106 7.50 -0.32 -25.03
N PHE D 107 6.75 -0.84 -26.00
CA PHE D 107 5.63 -0.12 -26.64
C PHE D 107 5.97 1.24 -27.22
N GLY D 108 7.24 1.63 -27.21
CA GLY D 108 7.60 2.93 -27.75
C GLY D 108 7.50 4.08 -26.75
N ILE D 109 7.32 3.76 -25.46
CA ILE D 109 7.22 4.80 -24.44
C ILE D 109 8.39 4.78 -23.45
N TYR D 110 9.14 3.68 -23.43
CA TYR D 110 10.27 3.58 -22.52
C TYR D 110 11.59 3.68 -23.28
N ASN D 111 12.50 4.49 -22.76
CA ASN D 111 13.81 4.63 -23.37
C ASN D 111 14.87 4.48 -22.29
N PRO D 112 15.48 3.28 -22.22
CA PRO D 112 16.51 3.00 -21.23
C PRO D 112 17.62 4.03 -21.19
N LEU D 113 18.00 4.55 -22.34
CA LEU D 113 19.08 5.52 -22.38
C LEU D 113 18.70 6.88 -21.78
N SER D 114 17.65 7.51 -22.29
CA SER D 114 17.22 8.81 -21.76
C SER D 114 15.76 8.73 -21.36
N PRO D 115 15.47 8.05 -20.24
CA PRO D 115 14.09 7.90 -19.76
C PRO D 115 13.40 9.16 -19.27
N TYR D 116 12.12 9.28 -19.61
CA TYR D 116 11.30 10.40 -19.17
C TYR D 116 10.15 9.74 -18.41
N PRO D 117 9.58 10.44 -17.41
CA PRO D 117 8.49 9.88 -16.63
C PRO D 117 7.21 9.71 -17.42
N PHE D 118 6.35 8.80 -16.97
CA PHE D 118 5.09 8.56 -17.65
C PHE D 118 4.18 7.64 -16.86
N VAL D 119 2.88 7.80 -17.08
CA VAL D 119 1.89 6.95 -16.44
C VAL D 119 1.20 6.34 -17.63
N ALA D 120 1.08 5.01 -17.67
CA ALA D 120 0.46 4.38 -18.81
C ALA D 120 -0.42 3.20 -18.44
N VAL D 121 -1.44 2.96 -19.26
CA VAL D 121 -2.28 1.80 -19.06
C VAL D 121 -1.99 0.94 -20.29
N GLU D 122 -1.51 -0.26 -20.06
CA GLU D 122 -1.14 -1.14 -21.15
C GLU D 122 -2.07 -2.31 -21.39
N PHE D 123 -2.07 -2.75 -22.64
CA PHE D 123 -2.84 -3.89 -23.11
C PHE D 123 -1.73 -4.70 -23.78
N ASP D 124 -1.10 -5.54 -22.97
CA ASP D 124 0.04 -6.36 -23.37
C ASP D 124 -0.32 -7.71 -23.96
N THR D 125 0.19 -7.96 -25.16
CA THR D 125 -0.09 -9.20 -25.89
C THR D 125 1.09 -10.17 -25.94
N PHE D 126 2.29 -9.68 -25.63
CA PHE D 126 3.48 -10.52 -25.64
C PHE D 126 4.10 -10.63 -24.25
N ARG D 127 4.55 -11.84 -23.90
CA ARG D 127 5.14 -12.05 -22.59
C ARG D 127 6.65 -11.89 -22.55
N ASN D 128 7.10 -10.75 -22.04
CA ASN D 128 8.53 -10.48 -21.92
C ASN D 128 9.03 -11.14 -20.62
N THR D 129 10.33 -11.06 -20.36
CA THR D 129 10.91 -11.66 -19.17
C THR D 129 10.33 -11.10 -17.87
N TRP D 130 9.81 -9.88 -17.94
CA TRP D 130 9.24 -9.22 -16.77
C TRP D 130 7.72 -9.27 -16.69
N ASP D 131 7.10 -10.00 -17.61
CA ASP D 131 5.64 -10.12 -17.71
C ASP D 131 5.02 -11.38 -17.15
N PRO D 132 3.75 -11.29 -16.73
CA PRO D 132 3.01 -12.44 -16.20
C PRO D 132 2.27 -12.97 -17.45
N GLN D 133 1.45 -14.00 -17.29
CA GLN D 133 0.70 -14.54 -18.43
C GLN D 133 0.04 -13.42 -19.25
N ILE D 134 0.02 -13.57 -20.57
CA ILE D 134 -0.60 -12.57 -21.45
C ILE D 134 -1.84 -13.18 -22.11
N PRO D 135 -2.77 -12.33 -22.58
CA PRO D 135 -2.74 -10.88 -22.53
C PRO D 135 -3.09 -10.40 -21.12
N HIS D 136 -2.75 -9.15 -20.81
CA HIS D 136 -3.10 -8.59 -19.51
C HIS D 136 -3.17 -7.07 -19.58
N ILE D 137 -3.97 -6.50 -18.69
CA ILE D 137 -4.05 -5.05 -18.61
C ILE D 137 -3.04 -4.77 -17.53
N GLY D 138 -2.38 -3.61 -17.63
CA GLY D 138 -1.39 -3.29 -16.62
C GLY D 138 -1.29 -1.79 -16.40
N ILE D 139 -0.98 -1.39 -15.18
CA ILE D 139 -0.82 0.01 -14.86
C ILE D 139 0.67 0.22 -14.72
N ASP D 140 1.23 1.07 -15.57
CA ASP D 140 2.67 1.34 -15.53
C ASP D 140 2.99 2.75 -15.09
N VAL D 141 3.97 2.87 -14.20
CA VAL D 141 4.40 4.16 -13.71
C VAL D 141 5.93 4.24 -13.88
N ASN D 142 6.37 5.04 -14.85
CA ASN D 142 7.78 5.22 -15.14
C ASN D 142 8.51 3.99 -15.65
N SER D 143 7.81 2.88 -15.72
CA SER D 143 8.45 1.67 -16.23
C SER D 143 7.40 0.76 -16.84
N VAL D 144 7.88 -0.16 -17.66
CA VAL D 144 7.01 -1.10 -18.33
C VAL D 144 6.76 -2.32 -17.47
N ILE D 145 7.34 -2.36 -16.28
CA ILE D 145 7.08 -3.47 -15.38
C ILE D 145 6.00 -3.00 -14.40
N SER D 146 4.76 -3.32 -14.78
CA SER D 146 3.52 -2.95 -14.08
C SER D 146 3.43 -3.07 -12.57
N THR D 147 2.71 -2.14 -11.97
CA THR D 147 2.49 -2.11 -10.53
C THR D 147 1.36 -3.09 -10.20
N LYS D 148 0.36 -3.11 -11.08
CA LYS D 148 -0.80 -3.97 -10.92
C LYS D 148 -1.08 -4.62 -12.28
N THR D 149 -1.56 -5.86 -12.26
CA THR D 149 -1.83 -6.60 -13.48
C THR D 149 -3.08 -7.45 -13.39
N VAL D 150 -3.80 -7.57 -14.50
CA VAL D 150 -4.99 -8.41 -14.53
C VAL D 150 -5.09 -9.06 -15.92
N PRO D 151 -5.26 -10.39 -15.97
CA PRO D 151 -5.35 -11.09 -17.25
C PRO D 151 -6.70 -10.93 -17.93
N PHE D 152 -6.70 -10.93 -19.26
CA PHE D 152 -7.93 -10.81 -20.02
C PHE D 152 -7.81 -11.62 -21.31
N THR D 153 -8.95 -12.08 -21.81
CA THR D 153 -9.02 -12.85 -23.05
C THR D 153 -9.42 -11.92 -24.18
N LEU D 154 -8.54 -11.80 -25.16
CA LEU D 154 -8.74 -10.94 -26.32
C LEU D 154 -9.83 -11.40 -27.30
N ASP D 155 -10.64 -10.47 -27.77
CA ASP D 155 -11.66 -10.78 -28.76
C ASP D 155 -10.94 -10.44 -30.08
N ASN D 156 -10.24 -11.44 -30.63
CA ASN D 156 -9.47 -11.24 -31.86
C ASN D 156 -10.23 -10.53 -32.95
N GLY D 157 -9.76 -9.34 -33.30
CA GLY D 157 -10.40 -8.57 -34.35
C GLY D 157 -11.68 -7.89 -33.89
N GLY D 158 -12.18 -8.27 -32.73
CA GLY D 158 -13.40 -7.67 -32.22
C GLY D 158 -13.15 -6.26 -31.72
N ILE D 159 -14.22 -5.61 -31.24
CA ILE D 159 -14.11 -4.26 -30.73
C ILE D 159 -14.00 -4.27 -29.21
N ALA D 160 -13.15 -3.40 -28.67
CA ALA D 160 -12.95 -3.30 -27.23
C ALA D 160 -13.28 -1.89 -26.76
N ASN D 161 -13.99 -1.78 -25.65
CA ASN D 161 -14.33 -0.48 -25.09
C ASN D 161 -13.55 -0.33 -23.81
N VAL D 162 -12.86 0.81 -23.67
CA VAL D 162 -12.08 1.06 -22.49
C VAL D 162 -12.49 2.36 -21.82
N VAL D 163 -12.55 2.31 -20.50
CA VAL D 163 -12.89 3.48 -19.72
C VAL D 163 -11.80 3.65 -18.67
N ILE D 164 -11.05 4.75 -18.74
CA ILE D 164 -10.00 5.02 -17.76
C ILE D 164 -10.43 6.26 -17.02
N LYS D 165 -10.50 6.16 -15.70
CA LYS D 165 -10.94 7.25 -14.85
C LYS D 165 -9.93 7.51 -13.73
N TYR D 166 -9.65 8.78 -13.48
CA TYR D 166 -8.72 9.16 -12.42
C TYR D 166 -9.34 10.16 -11.47
N ASP D 167 -9.45 9.77 -10.20
CA ASP D 167 -10.03 10.64 -9.21
C ASP D 167 -8.92 11.22 -8.33
N ALA D 168 -8.70 12.53 -8.44
CA ALA D 168 -7.65 13.20 -7.69
C ALA D 168 -7.79 13.13 -6.17
N SER D 169 -9.02 13.20 -5.68
CA SER D 169 -9.24 13.17 -4.23
C SER D 169 -8.76 11.87 -3.59
N THR D 170 -8.94 10.76 -4.29
CA THR D 170 -8.52 9.48 -3.76
C THR D 170 -7.26 8.94 -4.43
N LYS D 171 -6.85 9.58 -5.52
CA LYS D 171 -5.68 9.17 -6.28
C LYS D 171 -5.84 7.78 -6.88
N ILE D 172 -7.08 7.35 -7.08
CA ILE D 172 -7.34 6.05 -7.67
C ILE D 172 -7.44 6.13 -9.19
N LEU D 173 -6.67 5.29 -9.86
CA LEU D 173 -6.72 5.23 -11.31
C LEU D 173 -7.39 3.88 -11.57
N HIS D 174 -8.62 3.90 -12.07
CA HIS D 174 -9.29 2.64 -12.39
C HIS D 174 -9.64 2.56 -13.86
N VAL D 175 -9.32 1.40 -14.45
CA VAL D 175 -9.59 1.18 -15.85
C VAL D 175 -10.56 0.01 -16.01
N VAL D 176 -11.39 0.09 -17.04
CA VAL D 176 -12.38 -0.95 -17.34
C VAL D 176 -12.23 -1.35 -18.80
N LEU D 177 -12.22 -2.66 -19.04
CA LEU D 177 -12.10 -3.20 -20.40
C LEU D 177 -13.34 -4.03 -20.71
N VAL D 178 -13.99 -3.74 -21.83
CA VAL D 178 -15.19 -4.48 -22.19
C VAL D 178 -15.19 -4.87 -23.65
N PHE D 179 -15.50 -6.15 -23.90
CA PHE D 179 -15.61 -6.69 -25.25
C PHE D 179 -17.10 -6.94 -25.45
N PRO D 180 -17.84 -5.94 -25.96
CA PRO D 180 -19.29 -6.07 -26.19
C PRO D 180 -19.75 -7.35 -26.88
N SER D 181 -18.99 -7.85 -27.85
CA SER D 181 -19.36 -9.07 -28.55
C SER D 181 -19.34 -10.31 -27.67
N LEU D 182 -18.52 -10.29 -26.62
CA LEU D 182 -18.42 -11.45 -25.74
C LEU D 182 -19.11 -11.18 -24.41
N GLY D 183 -19.40 -9.90 -24.16
CA GLY D 183 -20.04 -9.53 -22.91
C GLY D 183 -19.13 -9.69 -21.70
N THR D 184 -17.83 -9.78 -21.94
CA THR D 184 -16.87 -9.94 -20.85
C THR D 184 -16.40 -8.58 -20.32
N ILE D 185 -16.21 -8.51 -19.00
CA ILE D 185 -15.77 -7.27 -18.36
C ILE D 185 -14.54 -7.52 -17.49
N TYR D 186 -13.54 -6.67 -17.67
CA TYR D 186 -12.28 -6.77 -16.91
C TYR D 186 -12.07 -5.44 -16.21
N THR D 187 -11.66 -5.51 -14.94
CA THR D 187 -11.44 -4.29 -14.17
C THR D 187 -10.13 -4.33 -13.37
N ILE D 188 -9.47 -3.18 -13.28
CA ILE D 188 -8.24 -3.06 -12.54
C ILE D 188 -8.08 -1.61 -12.03
N ALA D 189 -7.46 -1.46 -10.86
CA ALA D 189 -7.28 -0.14 -10.30
C ALA D 189 -6.06 -0.14 -9.40
N ASP D 190 -5.47 1.03 -9.23
CA ASP D 190 -4.31 1.19 -8.39
C ASP D 190 -4.19 2.64 -7.98
N ILE D 191 -3.36 2.92 -6.99
CA ILE D 191 -3.17 4.29 -6.53
C ILE D 191 -1.95 4.93 -7.20
N VAL D 192 -2.17 6.06 -7.86
CA VAL D 192 -1.09 6.76 -8.55
C VAL D 192 -1.14 8.24 -8.19
N ASP D 193 -0.01 8.78 -7.76
CA ASP D 193 0.03 10.19 -7.41
C ASP D 193 0.64 10.95 -8.58
N LEU D 194 -0.21 11.47 -9.46
CA LEU D 194 0.27 12.19 -10.65
C LEU D 194 1.22 13.34 -10.33
N LYS D 195 0.90 14.06 -9.26
CA LYS D 195 1.70 15.20 -8.82
C LYS D 195 3.12 14.78 -8.47
N GLN D 196 3.27 13.52 -8.08
CA GLN D 196 4.58 12.98 -7.69
C GLN D 196 5.41 12.42 -8.84
N VAL D 197 4.78 12.13 -9.98
CA VAL D 197 5.51 11.53 -11.09
C VAL D 197 5.60 12.36 -12.36
N LEU D 198 4.58 13.18 -12.62
CA LEU D 198 4.55 13.98 -13.84
C LEU D 198 4.63 15.49 -13.61
N PRO D 199 5.06 16.23 -14.63
CA PRO D 199 5.16 17.69 -14.55
C PRO D 199 3.76 18.31 -14.70
N GLU D 200 3.62 19.61 -14.43
CA GLU D 200 2.31 20.27 -14.53
C GLU D 200 1.58 20.08 -15.85
N SER D 201 2.27 20.26 -16.97
CA SER D 201 1.65 20.08 -18.27
C SER D 201 2.18 18.83 -18.94
N VAL D 202 1.27 18.05 -19.52
CA VAL D 202 1.63 16.80 -20.16
C VAL D 202 0.91 16.62 -21.48
N ASN D 203 1.22 15.51 -22.15
CA ASN D 203 0.60 15.13 -23.40
C ASN D 203 -0.09 13.82 -23.10
N VAL D 204 -1.21 13.56 -23.76
CA VAL D 204 -1.91 12.31 -23.56
C VAL D 204 -2.03 11.67 -24.93
N GLY D 205 -1.99 10.35 -24.99
CA GLY D 205 -2.10 9.70 -26.28
C GLY D 205 -1.94 8.19 -26.23
N PHE D 206 -1.71 7.59 -27.39
CA PHE D 206 -1.51 6.16 -27.49
C PHE D 206 -0.18 5.85 -28.15
N SER D 207 0.29 4.64 -27.94
CA SER D 207 1.54 4.18 -28.53
C SER D 207 1.42 2.67 -28.58
N ALA D 208 1.92 2.09 -29.66
CA ALA D 208 1.87 0.64 -29.84
C ALA D 208 3.11 0.16 -30.56
N ALA D 209 3.30 -1.15 -30.60
CA ALA D 209 4.47 -1.71 -31.26
C ALA D 209 4.26 -3.17 -31.63
N THR D 210 4.92 -3.59 -32.70
CA THR D 210 4.85 -4.98 -33.16
C THR D 210 6.20 -5.65 -32.89
N GLY D 211 6.27 -6.96 -33.15
CA GLY D 211 7.49 -7.71 -32.91
C GLY D 211 8.78 -7.03 -33.31
N ASP D 212 9.76 -7.08 -32.41
CA ASP D 212 11.08 -6.50 -32.65
C ASP D 212 11.91 -7.48 -33.48
N PRO D 213 12.73 -6.97 -34.41
CA PRO D 213 13.57 -7.81 -35.27
C PRO D 213 14.44 -8.81 -34.50
N SER D 214 14.95 -8.39 -33.35
CA SER D 214 15.82 -9.25 -32.55
C SER D 214 15.13 -10.56 -32.15
N GLY D 215 13.81 -10.57 -32.20
CA GLY D 215 13.07 -11.78 -31.84
C GLY D 215 13.11 -12.82 -32.96
N LYS D 216 13.51 -12.39 -34.15
CA LYS D 216 13.63 -13.27 -35.31
C LYS D 216 12.30 -13.94 -35.66
N GLN D 217 11.20 -13.19 -35.62
CA GLN D 217 9.89 -13.74 -35.93
C GLN D 217 9.01 -12.69 -36.61
N ARG D 218 8.82 -12.83 -37.91
CA ARG D 218 7.99 -11.88 -38.65
C ARG D 218 6.53 -12.07 -38.30
N ASN D 219 6.19 -13.23 -37.75
CA ASN D 219 4.81 -13.53 -37.36
C ASN D 219 4.43 -12.82 -36.05
N ALA D 220 5.44 -12.31 -35.34
CA ALA D 220 5.21 -11.61 -34.08
C ALA D 220 4.64 -10.23 -34.38
N THR D 221 3.38 -10.19 -34.77
CA THR D 221 2.76 -8.91 -35.08
C THR D 221 1.25 -9.01 -34.97
N GLU D 222 0.60 -7.85 -35.12
CA GLU D 222 -0.84 -7.73 -35.03
C GLU D 222 -1.17 -6.27 -35.31
N THR D 223 -2.46 -5.95 -35.38
CA THR D 223 -2.87 -4.58 -35.61
C THR D 223 -3.11 -3.90 -34.26
N HIS D 224 -3.06 -2.58 -34.26
CA HIS D 224 -3.32 -1.80 -33.06
C HIS D 224 -4.11 -0.58 -33.50
N ASP D 225 -5.41 -0.78 -33.72
CA ASP D 225 -6.27 0.29 -34.19
C ASP D 225 -7.13 0.97 -33.14
N ILE D 226 -7.15 2.29 -33.20
CA ILE D 226 -7.95 3.09 -32.28
C ILE D 226 -9.17 3.59 -33.07
N LEU D 227 -10.35 3.11 -32.73
CA LEU D 227 -11.56 3.49 -33.45
C LEU D 227 -12.17 4.85 -33.07
N SER D 228 -12.16 5.17 -31.78
CA SER D 228 -12.73 6.44 -31.31
C SER D 228 -12.06 6.82 -29.99
N TRP D 229 -12.13 8.10 -29.63
CA TRP D 229 -11.49 8.57 -28.42
C TRP D 229 -12.02 9.89 -27.86
N SER D 230 -12.40 9.89 -26.58
CA SER D 230 -12.89 11.09 -25.91
C SER D 230 -12.09 11.33 -24.62
N PHE D 231 -11.89 12.59 -24.28
CA PHE D 231 -11.10 12.97 -23.10
C PHE D 231 -11.74 14.12 -22.32
N SER D 232 -11.59 14.09 -21.00
CA SER D 232 -12.16 15.14 -20.17
C SER D 232 -11.36 15.32 -18.88
N ALA D 233 -10.89 16.55 -18.64
CA ALA D 233 -10.10 16.84 -17.45
C ALA D 233 -10.61 18.09 -16.73
N SER D 234 -10.57 18.05 -15.40
CA SER D 234 -11.04 19.16 -14.59
C SER D 234 -10.06 19.55 -13.52
N LEU D 235 -9.42 20.69 -13.72
CA LEU D 235 -8.47 21.21 -12.76
C LEU D 235 -9.20 22.30 -11.96
N PRO D 236 -9.59 21.99 -10.71
CA PRO D 236 -10.29 22.94 -9.85
C PRO D 236 -9.63 24.32 -9.71
N GLY D 237 -8.41 24.45 -10.23
CA GLY D 237 -7.71 25.73 -10.15
C GLY D 237 -7.97 26.63 -11.35
C1 NAG E . 49.85 7.85 10.09
C2 NAG E . 50.30 9.30 10.30
C3 NAG E . 51.53 9.34 11.20
C4 NAG E . 51.25 8.62 12.51
C5 NAG E . 50.83 7.20 12.19
C6 NAG E . 50.49 6.39 13.42
C7 NAG E . 49.74 10.75 8.45
C8 NAG E . 49.84 10.90 6.94
N2 NAG E . 50.61 9.92 9.02
O3 NAG E . 51.91 10.71 11.45
O4 NAG E . 52.42 8.62 13.33
O5 NAG E . 49.65 7.21 11.36
O6 NAG E . 49.28 6.85 14.02
O7 NAG E . 48.89 11.39 9.09
C1 FUC E . 52.95 11.14 10.62
C2 FUC E . 53.08 12.67 10.62
C3 FUC E . 53.81 13.20 11.86
C4 FUC E . 55.13 12.43 12.06
C5 FUC E . 54.81 10.94 12.16
C6 FUC E . 56.05 10.09 12.38
O2 FUC E . 51.77 13.24 10.58
O3 FUC E . 54.09 14.58 11.70
O4 FUC E . 55.97 12.67 10.94
O5 FUC E . 54.21 10.51 10.93
C1 NAG E . 52.26 8.93 14.66
C2 NAG E . 53.49 8.48 15.45
C3 NAG E . 53.47 9.01 16.89
C4 NAG E . 53.14 10.52 16.95
C5 NAG E . 51.89 10.80 16.12
C6 NAG E . 51.54 12.27 16.06
C7 NAG E . 54.45 6.41 14.71
C8 NAG E . 55.50 5.57 15.43
N2 NAG E . 53.55 7.04 15.46
O3 NAG E . 54.75 8.79 17.48
O4 NAG E . 52.93 10.92 18.29
O5 NAG E . 52.10 10.35 14.76
O6 NAG E . 51.90 12.84 14.81
O7 NAG E . 54.47 6.49 13.47
C1 NAG F . 46.71 -2.63 -4.85
C2 NAG F . 48.10 -2.24 -5.40
C3 NAG F . 48.36 -2.85 -6.78
C4 NAG F . 48.10 -4.38 -6.71
C5 NAG F . 46.67 -4.60 -6.20
C6 NAG F . 46.25 -6.05 -6.13
C7 NAG F . 49.29 -0.19 -5.00
C8 NAG F . 49.48 1.27 -5.39
N2 NAG F . 48.21 -0.80 -5.49
O3 NAG F . 49.71 -2.53 -7.20
O4 NAG F . 48.25 -4.99 -8.01
O5 NAG F . 46.53 -4.05 -4.88
O6 NAG F . 45.34 -6.28 -5.06
O7 NAG F . 50.10 -0.75 -4.27
C1 FUC F . 50.48 -3.50 -7.83
C2 FUC F . 50.95 -3.04 -9.23
C3 FUC F . 52.12 -2.03 -9.13
C4 FUC F . 53.23 -2.61 -8.23
C5 FUC F . 52.64 -2.97 -6.87
C6 FUC F . 53.67 -3.59 -5.94
O2 FUC F . 49.87 -2.42 -9.93
O3 FUC F . 52.64 -1.77 -10.42
O4 FUC F . 53.78 -3.77 -8.84
O5 FUC F . 51.58 -3.94 -7.05
C1 NAG F . 48.79 -6.28 -8.02
C2 NAG F . 48.34 -6.99 -9.29
C3 NAG F . 48.94 -8.39 -9.32
C4 NAG F . 50.47 -8.31 -9.21
C5 NAG F . 50.89 -7.46 -8.00
C6 NAG F . 52.38 -7.18 -8.01
C7 NAG F . 46.23 -6.34 -10.23
C8 NAG F . 45.53 -7.09 -11.35
N2 NAG F . 46.89 -7.07 -9.34
O3 NAG F . 48.59 -9.04 -10.54
O4 NAG F . 51.02 -9.63 -9.07
O5 NAG F . 50.22 -6.17 -8.02
O6 NAG F . 52.99 -7.61 -6.80
O7 NAG F . 46.18 -5.11 -10.18
C1 NAG G . -2.97 -14.38 40.77
C2 NAG G . -3.12 -15.88 40.51
C3 NAG G . -2.84 -16.64 41.81
C4 NAG G . -1.46 -16.27 42.34
C5 NAG G . -1.30 -14.74 42.46
C6 NAG G . 0.13 -14.33 42.78
C7 NAG G . -4.58 -17.01 38.97
C8 NAG G . -5.82 -16.84 38.12
N2 NAG G . -4.45 -16.19 40.02
O3 NAG G . -2.92 -18.06 41.57
O4 NAG G . -1.27 -16.86 43.65
O5 NAG G . -1.64 -14.10 41.20
O6 NAG G . 0.98 -14.54 41.66
O7 NAG G . -3.75 -17.88 38.69
C1 FUC G . -4.16 -18.68 41.87
C2 FUC G . -3.95 -20.19 42.05
C3 FUC G . -3.10 -20.43 43.31
C4 FUC G . -3.78 -19.80 44.52
C5 FUC G . -4.05 -18.31 44.27
C6 FUC G . -4.86 -17.66 45.38
O2 FUC G . -3.30 -20.73 40.91
O3 FUC G . -2.93 -21.82 43.50
O4 FUC G . -5.01 -20.47 44.76
O5 FUC G . -4.78 -18.13 43.04
C1 NAG G . -0.13 -17.63 43.83
C2 NAG G . 0.06 -17.94 45.32
C3 NAG G . 1.20 -18.95 45.52
C4 NAG G . 1.02 -20.17 44.62
C5 NAG G . 0.85 -19.71 43.17
C6 NAG G . 0.64 -20.83 42.18
C7 NAG G . -0.62 -15.94 46.49
C8 NAG G . -0.32 -14.46 46.62
N2 NAG G . 0.36 -16.73 46.06
O3 NAG G . 1.25 -19.36 46.88
O4 NAG G . 2.14 -21.04 44.74
O5 NAG G . -0.29 -18.83 43.07
O6 NAG G . 0.29 -20.31 40.90
O7 NAG G . -1.75 -16.36 46.77
C1 NAG H . -12.92 0.86 39.31
C2 NAG H . -13.81 0.25 40.40
C3 NAG H . -15.04 1.14 40.67
C4 NAG H . -14.71 2.64 40.80
C5 NAG H . -13.73 3.07 39.69
C6 NAG H . -13.21 4.48 39.88
C7 NAG H . -14.06 -2.12 40.73
C8 NAG H . -14.79 -3.40 40.35
N2 NAG H . -14.25 -1.06 39.98
O3 NAG H . -15.67 0.70 41.90
O4 NAG H . -15.94 3.39 40.62
O5 NAG H . -12.58 2.20 39.65
O6 NAG H . -12.80 5.06 38.65
O7 NAG H . -13.32 -2.11 41.72
C1 FUC H . -16.81 -0.11 41.75
C2 FUC H . -17.21 -0.69 43.10
C3 FUC H . -17.68 0.45 44.01
C4 FUC H . -18.83 1.20 43.36
C5 FUC H . -18.40 1.71 41.97
C6 FUC H . -19.54 2.34 41.20
O2 FUC H . -16.10 -1.35 43.69
O3 FUC H . -18.09 -0.09 45.27
O4 FUC H . -19.96 0.34 43.24
O5 FUC H . -17.90 0.60 41.17
C1 NAG H . -16.53 4.21 41.59
C2 NAG H . -15.63 4.50 42.81
C3 NAG H . -16.40 5.44 43.76
C4 NAG H . -16.89 6.70 43.03
C5 NAG H . -17.69 6.30 41.79
C6 NAG H . -18.10 7.51 40.96
C7 NAG H . -15.22 3.24 44.85
C8 NAG H . -16.49 2.89 45.61
N2 NAG H . -15.30 3.26 43.51
O3 NAG H . -15.58 5.82 44.86
O4 NAG H . -17.71 7.47 43.91
O5 NAG H . -16.90 5.44 40.94
O6 NAG H . -17.31 7.61 39.78
O7 NAG H . -14.18 3.45 45.46
C1 NAG I . -49.98 5.90 -10.87
C2 NAG I . -50.45 7.30 -11.31
C3 NAG I . -51.56 7.22 -12.35
C4 NAG I . -51.21 6.26 -13.48
C5 NAG I . -50.76 4.91 -12.90
C6 NAG I . -50.30 3.94 -13.97
C7 NAG I . -50.08 8.72 -9.40
C8 NAG I . -49.75 8.15 -8.02
N2 NAG I . -50.93 8.03 -10.15
O3 NAG I . -51.77 8.53 -12.90
O4 NAG I . -52.37 6.07 -14.32
O5 NAG I . -49.65 5.11 -12.01
O6 NAG I . -49.04 4.35 -14.52
O7 NAG I . -49.55 9.77 -9.77
C1 NAG I . -52.13 6.13 -15.69
C2 NAG I . -53.33 5.62 -16.47
C3 NAG I . -53.08 5.76 -17.97
C4 NAG I . -52.64 7.19 -18.33
C5 NAG I . -51.50 7.64 -17.43
C6 NAG I . -51.10 9.09 -17.64
C7 NAG I . -54.24 3.89 -15.05
C8 NAG I . -54.24 2.42 -14.66
N2 NAG I . -53.58 4.22 -16.15
O3 NAG I . -54.25 5.40 -18.67
O4 NAG I . -52.21 7.26 -19.73
O5 NAG I . -51.87 7.50 -16.04
O6 NAG I . -52.06 9.96 -17.07
O7 NAG I . -54.85 4.71 -14.35
C1 BMA I . -53.12 6.87 -20.71
C2 BMA I . -54.02 8.03 -21.15
C3 BMA I . -53.82 8.35 -22.63
C4 BMA I . -52.33 8.47 -22.91
C5 BMA I . -51.62 7.13 -22.65
C6 BMA I . -50.24 7.25 -22.05
O2 BMA I . -53.73 9.18 -20.38
O3 BMA I . -54.48 9.56 -22.96
O4 BMA I . -52.12 8.87 -24.26
O5 BMA I . -52.41 6.24 -21.80
O6 BMA I . -49.26 6.65 -22.89
C1 FUC I . -52.61 9.39 -12.17
C2 FUC I . -52.90 10.64 -12.98
C3 FUC I . -53.75 10.26 -14.20
C4 FUC I . -55.04 9.54 -13.75
C5 FUC I . -54.69 8.35 -12.85
C6 FUC I . -55.92 7.70 -12.23
O2 FUC I . -51.68 11.23 -13.42
O3 FUC I . -54.07 11.43 -14.95
O4 FUC I . -55.88 10.45 -13.05
O5 FUC I . -53.83 8.77 -11.76
C1 NAG J . -45.98 -2.74 5.33
C2 NAG J . -47.39 -2.39 5.81
C3 NAG J . -47.71 -2.91 7.23
C4 NAG J . -47.07 -4.28 7.56
C5 NAG J . -45.64 -4.36 7.02
C6 NAG J . -44.96 -5.69 7.22
C7 NAG J . -48.73 -0.37 5.82
C8 NAG J . -49.00 0.59 6.97
N2 NAG J . -47.53 -0.95 5.80
O3 NAG J . -49.14 -3.04 7.36
O4 NAG J . -47.06 -4.48 8.99
O5 NAG J . -45.65 -4.10 5.61
O6 NAG J . -43.65 -5.52 7.75
O7 NAG J . -49.58 -0.58 4.97
C1 FUL J . -49.79 -2.21 8.27
C2 FUL J . -49.41 -2.61 9.71
O2 FUL J . -48.05 -2.29 9.96
C3 FUL J . -50.26 -1.92 10.76
O3 FUL J . -50.02 -2.51 12.03
C4 FUL J . -51.75 -2.04 10.43
O4 FUL J . -52.14 -3.41 10.46
C5 FUL J . -51.98 -1.49 9.02
C6 FUL J . -53.44 -1.57 8.58
O5 FUL J . -51.21 -2.26 8.07
C1 NAG J . -46.96 -5.78 9.48
C2 NAG J . -46.32 -5.76 10.87
C3 NAG J . -46.19 -7.19 11.37
C4 NAG J . -47.57 -7.87 11.38
C5 NAG J . -48.25 -7.73 10.00
C6 NAG J . -49.70 -8.20 10.05
C7 NAG J . -44.82 -3.99 11.58
C8 NAG J . -44.99 -2.66 10.90
N2 NAG J . -45.02 -5.10 10.85
O3 NAG J . -45.63 -7.21 12.68
O4 NAG J . -47.43 -9.24 11.72
O5 NAG J . -48.27 -6.35 9.55
O6 NAG J . -49.90 -9.16 11.10
O7 NAG J . -44.52 -4.04 12.78
C1 NAG K . 3.54 -17.82 -39.49
C2 NAG K . 3.91 -19.26 -39.12
C3 NAG K . 3.60 -20.22 -40.29
C4 NAG K . 2.16 -20.05 -40.76
C5 NAG K . 1.94 -18.57 -41.13
C6 NAG K . 0.54 -18.27 -41.60
C7 NAG K . 5.74 -19.84 -37.64
C8 NAG K . 7.20 -19.63 -37.27
N2 NAG K . 5.33 -19.34 -38.80
O3 NAG K . 3.83 -21.59 -39.90
O4 NAG K . 1.90 -20.90 -41.89
O5 NAG K . 2.18 -17.74 -39.97
O6 NAG K . -0.30 -17.93 -40.51
O7 NAG K . 5.00 -20.47 -36.87
C1 FUC K . 5.12 -22.09 -40.11
C2 FUC K . 5.12 -23.61 -40.01
C3 FUC K . 4.34 -24.22 -41.19
C4 FUC K . 4.89 -23.70 -42.53
C5 FUC K . 4.92 -22.16 -42.53
C6 FUC K . 5.59 -21.58 -43.77
O2 FUC K . 4.52 -24.02 -38.79
O3 FUC K . 4.43 -25.63 -41.14
O4 FUC K . 6.20 -24.21 -42.74
O5 FUC K . 5.67 -21.68 -41.38
C1 NAG K . 0.66 -21.55 -41.95
C2 NAG K . 0.55 -22.37 -43.25
C3 NAG K . -0.74 -23.23 -43.23
C4 NAG K . -0.85 -24.05 -41.94
C5 NAG K . -0.70 -23.11 -40.74
C6 NAG K . -0.76 -23.85 -39.41
C7 NAG K . 1.60 -20.75 -44.72
C8 NAG K . 1.39 -19.24 -44.78
N2 NAG K . 0.53 -21.50 -44.41
O3 NAG K . -0.75 -24.11 -44.36
O4 NAG K . -2.10 -24.72 -41.90
O5 NAG K . 0.56 -22.42 -40.80
O6 NAG K . 0.40 -24.63 -39.20
O7 NAG K . 2.71 -21.23 -44.96
C1 NAG L . 13.58 -1.85 -38.42
C2 NAG L . 14.51 -2.06 -39.64
C3 NAG L . 15.64 -0.99 -39.79
C4 NAG L . 15.19 0.43 -39.38
C5 NAG L . 14.33 0.39 -38.11
C6 NAG L . 13.77 1.73 -37.69
C7 NAG L . 14.89 -4.27 -40.49
C8 NAG L . 15.57 -4.08 -41.84
N2 NAG L . 15.13 -3.36 -39.55
O3 NAG L . 16.03 -0.95 -41.19
O4 NAG L . 16.35 1.26 -39.14
O5 NAG L . 13.20 -0.49 -38.31
O6 NAG L . 12.36 1.81 -37.89
O7 NAG L . 14.18 -5.26 -40.30
C1 FUC L . 17.36 -1.22 -41.59
C2 FUC L . 18.29 -0.01 -41.45
C3 FUC L . 18.81 0.12 -40.01
C4 FUC L . 19.49 -1.19 -39.62
C5 FUC L . 18.48 -2.33 -39.71
C6 FUC L . 19.11 -3.67 -39.39
O2 FUC L . 17.59 1.18 -41.81
O3 FUC L . 19.72 1.19 -39.91
O4 FUC L . 20.56 -1.44 -40.52
O5 FUC L . 17.94 -2.43 -41.05
C1 NAG L . 16.23 2.65 -39.27
C2 NAG L . 17.20 3.34 -38.31
C3 NAG L . 17.14 4.85 -38.50
C4 NAG L . 17.43 5.19 -39.95
C5 NAG L . 16.48 4.43 -40.88
C6 NAG L . 16.83 4.67 -42.35
C7 NAG L . 17.40 1.91 -36.37
C8 NAG L . 16.45 0.94 -35.68
N2 NAG L . 16.87 3.00 -36.93
O3 NAG L . 18.08 5.48 -37.64
O4 NAG L . 17.30 6.60 -40.17
O5 NAG L . 16.54 3.01 -40.64
O6 NAG L . 17.40 5.95 -42.57
O7 NAG L . 18.61 1.66 -36.40
O5 A2G M . 41.19 7.98 -1.74
C1 A2G M . 40.33 8.42 -2.87
O1 A2G M . 39.98 9.81 -2.78
C2 A2G M . 39.02 7.53 -2.89
N2 A2G M . 38.14 7.97 -3.97
C3 A2G M . 38.31 7.62 -1.49
O3 A2G M . 37.13 6.82 -1.50
C4 A2G M . 39.28 7.14 -0.39
O4 A2G M . 39.61 5.76 -0.59
C5 A2G M . 40.55 8.02 -0.41
C6 A2G M . 41.56 7.57 0.64
O6 A2G M . 42.63 8.51 0.85
C7 A2G M . 37.52 7.10 -4.80
O7 A2G M . 37.63 5.87 -4.73
C8 A2G M . 36.63 7.72 -5.86
MN MN N . 28.05 7.91 1.63
CA CA O . 32.45 7.66 1.15
O5 A2G P . -10.49 -7.64 30.66
C1 A2G P . -11.30 -7.35 29.45
O1 A2G P . -11.42 -8.49 28.59
C2 A2G P . -10.65 -6.14 28.67
N2 A2G P . -11.41 -5.86 27.46
C3 A2G P . -9.16 -6.48 28.34
O3 A2G P . -8.58 -5.40 27.63
C4 A2G P . -8.39 -6.75 29.66
O4 A2G P . -8.40 -5.58 30.49
C5 A2G P . -9.07 -7.94 30.40
C6 A2G P . -8.38 -8.24 31.71
O6 A2G P . -9.01 -9.34 32.38
C7 A2G P . -11.73 -4.61 27.08
O7 A2G P . -11.42 -3.59 27.72
C8 A2G P . -12.53 -4.48 25.79
MN MN Q . -3.01 -4.59 19.82
CA CA R . -4.78 -5.60 23.75
O5 A2G S . -41.35 7.77 0.82
C1 A2G S . -40.45 8.30 1.89
O1 A2G S . -40.13 9.69 1.69
C2 A2G S . -39.13 7.44 1.95
N2 A2G S . -38.23 7.97 2.96
C3 A2G S . -38.46 7.43 0.52
O3 A2G S . -37.28 6.66 0.57
C4 A2G S . -39.45 6.84 -0.51
O4 A2G S . -39.77 5.49 -0.19
C5 A2G S . -40.74 7.73 -0.53
C6 A2G S . -41.77 7.20 -1.51
O6 A2G S . -42.94 8.01 -1.51
C7 A2G S . -37.56 7.18 3.82
O7 A2G S . -37.65 5.93 3.85
C8 A2G S . -36.66 7.89 4.83
MN MN T . -28.13 7.34 -2.46
CA CA U . -32.24 6.93 -1.87
O5 A2G V . 11.10 -9.76 -29.75
C1 A2G V . 11.90 -9.30 -28.58
O1 A2G V . 12.15 -10.35 -27.63
C2 A2G V . 11.14 -8.11 -27.88
N2 A2G V . 11.88 -7.65 -26.72
C3 A2G V . 9.69 -8.57 -27.49
O3 A2G V . 9.01 -7.51 -26.87
C4 A2G V . 8.94 -9.03 -28.77
O4 A2G V . 8.81 -7.92 -29.69
C5 A2G V . 9.72 -10.18 -29.43
C6 A2G V . 9.04 -10.66 -30.71
O6 A2G V . 9.77 -11.74 -31.31
C7 A2G V . 12.07 -6.35 -26.44
O7 A2G V . 11.65 -5.41 -27.14
C8 A2G V . 12.88 -6.03 -25.18
MN MN W . 3.08 -6.31 -19.26
CA CA X . 5.03 -7.39 -22.98
#